data_2EEM
#
_entry.id   2EEM
#
_entity_poly.entity_id   1
_entity_poly.type   'polypeptide(L)'
_entity_poly.pdbx_seq_one_letter_code
;SCASRCKGHCRARRCGYYVSVLYRGRCYCKCLRC
;
_entity_poly.pdbx_strand_id   A
#
# COMPACT_ATOMS: atom_id res chain seq x y z
N SER A 1 -6.22 4.72 -8.74
CA SER A 1 -5.10 3.76 -8.46
C SER A 1 -5.00 3.51 -6.95
N CYS A 2 -5.62 2.45 -6.49
CA CYS A 2 -5.58 2.12 -5.02
C CYS A 2 -4.14 1.81 -4.58
N ALA A 3 -3.46 0.95 -5.30
CA ALA A 3 -2.05 0.59 -4.95
C ALA A 3 -1.17 1.85 -4.92
N SER A 4 -1.37 2.75 -5.84
CA SER A 4 -0.53 4.00 -5.85
C SER A 4 -0.79 4.82 -4.58
N ARG A 5 -2.02 4.90 -4.16
CA ARG A 5 -2.34 5.66 -2.92
C ARG A 5 -1.73 4.93 -1.71
N CYS A 6 -1.83 3.63 -1.71
CA CYS A 6 -1.23 2.83 -0.58
C CYS A 6 0.29 2.94 -0.60
N LYS A 7 0.88 2.99 -1.77
CA LYS A 7 2.36 3.12 -1.86
C LYS A 7 2.82 4.44 -1.23
N GLY A 8 2.08 5.51 -1.47
CA GLY A 8 2.46 6.81 -0.87
C GLY A 8 2.26 6.77 0.65
N HIS A 9 1.23 6.10 1.10
CA HIS A 9 0.98 6.00 2.57
C HIS A 9 2.15 5.28 3.26
N CYS A 10 2.67 4.24 2.66
CA CYS A 10 3.82 3.51 3.27
C CYS A 10 5.06 4.41 3.27
N ARG A 11 5.30 5.10 2.18
CA ARG A 11 6.47 6.02 2.12
C ARG A 11 6.29 7.15 3.14
N ALA A 12 5.08 7.65 3.26
CA ALA A 12 4.82 8.74 4.26
C ALA A 12 5.05 8.21 5.68
N ARG A 13 4.84 6.93 5.89
CA ARG A 13 5.07 6.34 7.25
C ARG A 13 6.53 5.89 7.40
N ARG A 14 7.40 6.25 6.47
CA ARG A 14 8.84 5.85 6.54
C ARG A 14 8.97 4.33 6.41
N CYS A 15 8.42 3.76 5.37
CA CYS A 15 8.50 2.29 5.18
C CYS A 15 9.15 1.97 3.82
N GLY A 16 9.90 0.90 3.76
CA GLY A 16 10.58 0.54 2.48
C GLY A 16 9.83 -0.60 1.78
N TYR A 17 8.83 -1.18 2.41
CA TYR A 17 8.09 -2.30 1.75
C TYR A 17 6.58 -2.09 1.88
N TYR A 18 5.84 -2.42 0.84
CA TYR A 18 4.35 -2.26 0.91
C TYR A 18 3.68 -3.24 -0.06
N VAL A 19 2.49 -3.69 0.27
CA VAL A 19 1.77 -4.63 -0.62
C VAL A 19 0.44 -4.01 -1.05
N SER A 20 -0.01 -4.31 -2.24
CA SER A 20 -1.30 -3.72 -2.73
C SER A 20 -1.96 -4.66 -3.75
N VAL A 21 -3.21 -4.97 -3.54
CA VAL A 21 -3.93 -5.88 -4.49
C VAL A 21 -5.43 -5.52 -4.55
N LEU A 22 -5.96 -5.36 -5.73
CA LEU A 22 -7.42 -5.02 -5.86
C LEU A 22 -8.20 -6.24 -6.37
N TYR A 23 -9.21 -6.66 -5.66
CA TYR A 23 -9.98 -7.85 -6.10
C TYR A 23 -11.47 -7.72 -5.75
N ARG A 24 -12.35 -8.06 -6.67
CA ARG A 24 -13.82 -7.96 -6.41
C ARG A 24 -14.22 -6.56 -5.93
N GLY A 25 -13.51 -5.55 -6.35
CA GLY A 25 -13.84 -4.16 -5.92
C GLY A 25 -13.34 -3.91 -4.50
N ARG A 26 -12.41 -4.71 -4.03
CA ARG A 26 -11.87 -4.52 -2.66
C ARG A 26 -10.38 -4.21 -2.74
N CYS A 27 -9.89 -3.38 -1.86
CA CYS A 27 -8.43 -3.03 -1.91
C CYS A 27 -7.67 -3.68 -0.76
N TYR A 28 -6.65 -4.42 -1.08
CA TYR A 28 -5.82 -5.11 -0.04
C TYR A 28 -4.46 -4.41 0.05
N CYS A 29 -4.29 -3.50 0.96
CA CYS A 29 -2.99 -2.77 1.07
C CYS A 29 -2.24 -3.14 2.35
N LYS A 30 -0.94 -3.02 2.33
CA LYS A 30 -0.11 -3.34 3.52
C LYS A 30 1.18 -2.52 3.52
N CYS A 31 1.72 -2.26 4.68
CA CYS A 31 2.99 -1.45 4.77
C CYS A 31 3.95 -2.14 5.75
N LEU A 32 5.18 -2.35 5.36
CA LEU A 32 6.16 -3.01 6.27
C LEU A 32 7.55 -2.36 6.13
N ARG A 33 8.53 -2.90 6.83
CA ARG A 33 9.92 -2.33 6.79
C ARG A 33 9.89 -0.84 7.13
N CYS A 34 9.32 -0.49 8.26
CA CYS A 34 9.24 0.95 8.66
C CYS A 34 10.28 1.26 9.75
N SER A 1 -4.43 2.49 -9.39
CA SER A 1 -4.77 3.73 -8.62
C SER A 1 -4.65 3.47 -7.11
N CYS A 2 -5.39 2.51 -6.60
CA CYS A 2 -5.33 2.20 -5.13
C CYS A 2 -3.89 1.85 -4.70
N ALA A 3 -3.18 1.15 -5.54
CA ALA A 3 -1.76 0.78 -5.19
C ALA A 3 -0.89 2.03 -5.07
N SER A 4 -1.13 3.03 -5.88
CA SER A 4 -0.32 4.28 -5.80
C SER A 4 -0.65 5.05 -4.52
N ARG A 5 -1.91 5.07 -4.14
CA ARG A 5 -2.31 5.80 -2.88
C ARG A 5 -1.76 5.06 -1.66
N CYS A 6 -1.78 3.75 -1.70
CA CYS A 6 -1.26 2.95 -0.54
C CYS A 6 0.26 3.10 -0.45
N LYS A 7 0.94 3.21 -1.57
CA LYS A 7 2.42 3.38 -1.54
C LYS A 7 2.75 4.73 -0.88
N GLY A 8 2.00 5.75 -1.19
CA GLY A 8 2.24 7.08 -0.57
C GLY A 8 2.05 6.97 0.94
N HIS A 9 1.05 6.24 1.37
CA HIS A 9 0.82 6.07 2.84
C HIS A 9 2.03 5.37 3.47
N CYS A 10 2.50 4.31 2.85
CA CYS A 10 3.69 3.58 3.39
C CYS A 10 4.92 4.50 3.32
N ARG A 11 5.02 5.27 2.26
CA ARG A 11 6.17 6.22 2.13
C ARG A 11 6.12 7.27 3.24
N ALA A 12 4.94 7.76 3.54
CA ALA A 12 4.79 8.78 4.63
C ALA A 12 5.27 8.20 5.97
N ARG A 13 4.98 6.94 6.22
CA ARG A 13 5.43 6.31 7.51
C ARG A 13 6.91 5.89 7.41
N ARG A 14 7.58 6.20 6.32
CA ARG A 14 9.01 5.82 6.14
C ARG A 14 9.16 4.29 6.04
N CYS A 15 8.37 3.67 5.20
CA CYS A 15 8.45 2.19 5.04
C CYS A 15 9.11 1.84 3.70
N GLY A 16 9.85 0.77 3.66
CA GLY A 16 10.52 0.36 2.40
C GLY A 16 9.75 -0.77 1.69
N TYR A 17 8.66 -1.23 2.26
CA TYR A 17 7.90 -2.34 1.60
C TYR A 17 6.39 -2.08 1.69
N TYR A 18 5.65 -2.52 0.70
CA TYR A 18 4.17 -2.33 0.72
C TYR A 18 3.49 -3.40 -0.14
N VAL A 19 2.32 -3.83 0.24
CA VAL A 19 1.59 -4.88 -0.54
C VAL A 19 0.21 -4.35 -0.95
N SER A 20 0.01 -4.10 -2.22
CA SER A 20 -1.32 -3.58 -2.68
C SER A 20 -1.97 -4.55 -3.66
N VAL A 21 -3.25 -4.81 -3.50
CA VAL A 21 -3.96 -5.75 -4.42
C VAL A 21 -5.42 -5.34 -4.58
N LEU A 22 -5.89 -5.20 -5.79
CA LEU A 22 -7.31 -4.81 -6.02
C LEU A 22 -8.09 -6.01 -6.58
N TYR A 23 -8.98 -6.57 -5.80
CA TYR A 23 -9.76 -7.75 -6.27
C TYR A 23 -11.14 -7.77 -5.60
N ARG A 24 -12.09 -8.44 -6.21
CA ARG A 24 -13.48 -8.52 -5.65
C ARG A 24 -14.03 -7.12 -5.35
N GLY A 25 -13.62 -6.14 -6.12
CA GLY A 25 -14.10 -4.75 -5.89
C GLY A 25 -13.64 -4.27 -4.52
N ARG A 26 -12.50 -4.73 -4.06
CA ARG A 26 -11.99 -4.32 -2.73
C ARG A 26 -10.48 -4.08 -2.82
N CYS A 27 -9.96 -3.18 -2.03
CA CYS A 27 -8.50 -2.90 -2.08
C CYS A 27 -7.79 -3.49 -0.86
N TYR A 28 -6.83 -4.34 -1.09
CA TYR A 28 -6.06 -4.96 0.03
C TYR A 28 -4.68 -4.32 0.08
N CYS A 29 -4.48 -3.37 0.96
CA CYS A 29 -3.16 -2.68 1.04
C CYS A 29 -2.41 -3.04 2.33
N LYS A 30 -1.11 -2.98 2.27
CA LYS A 30 -0.27 -3.31 3.46
C LYS A 30 1.02 -2.49 3.44
N CYS A 31 1.58 -2.23 4.59
CA CYS A 31 2.85 -1.43 4.66
C CYS A 31 3.83 -2.14 5.60
N LEU A 32 5.03 -2.39 5.16
CA LEU A 32 6.04 -3.09 6.03
C LEU A 32 7.42 -2.45 5.89
N ARG A 33 8.42 -3.02 6.54
CA ARG A 33 9.81 -2.45 6.48
C ARG A 33 9.80 -0.98 6.90
N CYS A 34 9.15 -0.66 8.00
CA CYS A 34 9.10 0.76 8.47
C CYS A 34 10.15 1.01 9.55
N SER A 1 -4.72 2.28 -9.43
CA SER A 1 -4.90 3.55 -8.65
C SER A 1 -4.73 3.30 -7.15
N CYS A 2 -5.48 2.38 -6.60
CA CYS A 2 -5.37 2.08 -5.13
C CYS A 2 -3.93 1.67 -4.78
N ALA A 3 -3.28 0.92 -5.62
CA ALA A 3 -1.88 0.49 -5.33
C ALA A 3 -0.96 1.71 -5.17
N SER A 4 -1.11 2.69 -6.02
CA SER A 4 -0.25 3.92 -5.90
C SER A 4 -0.59 4.67 -4.62
N ARG A 5 -1.86 4.73 -4.26
CA ARG A 5 -2.27 5.44 -3.00
C ARG A 5 -1.65 4.73 -1.79
N CYS A 6 -1.64 3.41 -1.79
CA CYS A 6 -1.06 2.67 -0.64
C CYS A 6 0.46 2.90 -0.57
N LYS A 7 1.11 3.00 -1.71
CA LYS A 7 2.59 3.25 -1.71
C LYS A 7 2.87 4.60 -1.02
N GLY A 8 2.07 5.60 -1.30
CA GLY A 8 2.28 6.93 -0.67
C GLY A 8 2.03 6.82 0.84
N HIS A 9 1.03 6.06 1.23
CA HIS A 9 0.73 5.89 2.69
C HIS A 9 1.92 5.21 3.38
N CYS A 10 2.48 4.20 2.75
CA CYS A 10 3.66 3.49 3.36
C CYS A 10 4.86 4.44 3.38
N ARG A 11 5.07 5.18 2.30
CA ARG A 11 6.22 6.13 2.28
C ARG A 11 6.00 7.22 3.34
N ALA A 12 4.77 7.67 3.49
CA ALA A 12 4.47 8.71 4.53
C ALA A 12 4.75 8.14 5.93
N ARG A 13 4.59 6.84 6.10
CA ARG A 13 4.86 6.20 7.42
C ARG A 13 6.35 5.80 7.52
N ARG A 14 7.17 6.24 6.57
CA ARG A 14 8.63 5.90 6.58
C ARG A 14 8.82 4.39 6.40
N CYS A 15 8.29 3.84 5.34
CA CYS A 15 8.44 2.36 5.11
C CYS A 15 9.07 2.11 3.74
N GLY A 16 9.87 1.08 3.64
CA GLY A 16 10.54 0.76 2.34
C GLY A 16 9.82 -0.39 1.62
N TYR A 17 8.79 -0.96 2.21
CA TYR A 17 8.07 -2.09 1.54
C TYR A 17 6.56 -1.93 1.71
N TYR A 18 5.80 -2.29 0.70
CA TYR A 18 4.31 -2.17 0.81
C TYR A 18 3.64 -3.14 -0.18
N VAL A 19 2.50 -3.68 0.20
CA VAL A 19 1.78 -4.62 -0.70
C VAL A 19 0.43 -4.02 -1.10
N SER A 20 -0.07 -4.35 -2.27
CA SER A 20 -1.37 -3.79 -2.71
C SER A 20 -2.05 -4.72 -3.74
N VAL A 21 -3.32 -4.96 -3.57
CA VAL A 21 -4.07 -5.85 -4.52
C VAL A 21 -5.55 -5.43 -4.56
N LEU A 22 -6.09 -5.28 -5.74
CA LEU A 22 -7.53 -4.88 -5.86
C LEU A 22 -8.36 -6.07 -6.35
N TYR A 23 -9.27 -6.55 -5.53
CA TYR A 23 -10.11 -7.72 -5.93
C TYR A 23 -11.58 -7.50 -5.54
N ARG A 24 -12.49 -7.85 -6.41
CA ARG A 24 -13.96 -7.69 -6.12
C ARG A 24 -14.28 -6.26 -5.67
N GLY A 25 -13.57 -5.29 -6.18
CA GLY A 25 -13.84 -3.86 -5.80
C GLY A 25 -13.31 -3.59 -4.39
N ARG A 26 -12.43 -4.41 -3.88
CA ARG A 26 -11.87 -4.19 -2.52
C ARG A 26 -10.35 -4.00 -2.62
N CYS A 27 -9.79 -3.18 -1.76
CA CYS A 27 -8.32 -2.95 -1.84
C CYS A 27 -7.59 -3.64 -0.68
N TYR A 28 -6.63 -4.46 -1.00
CA TYR A 28 -5.84 -5.18 0.04
C TYR A 28 -4.44 -4.58 0.08
N CYS A 29 -4.19 -3.65 0.97
CA CYS A 29 -2.84 -3.01 1.02
C CYS A 29 -2.12 -3.33 2.33
N LYS A 30 -0.81 -3.23 2.31
CA LYS A 30 0.00 -3.51 3.52
C LYS A 30 1.27 -2.65 3.51
N CYS A 31 1.81 -2.36 4.67
CA CYS A 31 3.05 -1.52 4.76
C CYS A 31 4.07 -2.21 5.66
N LEU A 32 5.29 -2.39 5.20
CA LEU A 32 6.33 -3.07 6.03
C LEU A 32 7.68 -2.36 5.90
N ARG A 33 8.70 -2.89 6.54
CA ARG A 33 10.07 -2.27 6.47
C ARG A 33 10.01 -0.80 6.90
N CYS A 34 9.43 -0.52 8.03
CA CYS A 34 9.32 0.89 8.51
C CYS A 34 10.39 1.18 9.58
N SER A 1 -4.53 2.50 -9.28
CA SER A 1 -4.90 3.73 -8.51
C SER A 1 -4.84 3.45 -7.00
N CYS A 2 -5.62 2.51 -6.52
CA CYS A 2 -5.61 2.19 -5.05
C CYS A 2 -4.20 1.80 -4.61
N ALA A 3 -3.52 0.98 -5.38
CA ALA A 3 -2.13 0.56 -5.01
C ALA A 3 -1.21 1.79 -4.95
N SER A 4 -1.38 2.73 -5.87
CA SER A 4 -0.52 3.95 -5.87
C SER A 4 -0.76 4.75 -4.58
N ARG A 5 -1.99 4.87 -4.16
CA ARG A 5 -2.28 5.63 -2.90
C ARG A 5 -1.66 4.90 -1.70
N CYS A 6 -1.78 3.60 -1.69
CA CYS A 6 -1.20 2.80 -0.57
C CYS A 6 0.33 2.94 -0.57
N LYS A 7 0.94 3.02 -1.73
CA LYS A 7 2.42 3.17 -1.81
C LYS A 7 2.83 4.49 -1.14
N GLY A 8 2.10 5.55 -1.40
CA GLY A 8 2.43 6.86 -0.78
C GLY A 8 2.21 6.78 0.74
N HIS A 9 1.19 6.06 1.17
CA HIS A 9 0.92 5.92 2.63
C HIS A 9 2.12 5.24 3.32
N CYS A 10 2.69 4.24 2.70
CA CYS A 10 3.86 3.54 3.31
C CYS A 10 5.07 4.48 3.29
N ARG A 11 5.26 5.21 2.22
CA ARG A 11 6.40 6.18 2.16
C ARG A 11 6.20 7.26 3.22
N ALA A 12 4.98 7.70 3.39
CA ALA A 12 4.69 8.74 4.43
C ALA A 12 4.93 8.16 5.83
N ARG A 13 4.76 6.86 5.98
CA ARG A 13 5.00 6.23 7.31
C ARG A 13 6.48 5.82 7.45
N ARG A 14 7.33 6.25 6.54
CA ARG A 14 8.78 5.88 6.61
C ARG A 14 8.95 4.37 6.46
N CYS A 15 8.48 3.81 5.37
CA CYS A 15 8.60 2.35 5.16
C CYS A 15 9.20 2.06 3.77
N GLY A 16 9.97 1.01 3.66
CA GLY A 16 10.60 0.66 2.36
C GLY A 16 9.89 -0.53 1.70
N TYR A 17 8.78 -0.97 2.24
CA TYR A 17 8.06 -2.13 1.64
C TYR A 17 6.55 -1.98 1.80
N TYR A 18 5.78 -2.40 0.82
CA TYR A 18 4.30 -2.28 0.92
C TYR A 18 3.62 -3.25 -0.05
N VAL A 19 2.46 -3.74 0.30
CA VAL A 19 1.73 -4.68 -0.59
C VAL A 19 0.41 -4.05 -1.04
N SER A 20 -0.04 -4.35 -2.22
CA SER A 20 -1.32 -3.75 -2.71
C SER A 20 -2.00 -4.69 -3.71
N VAL A 21 -3.28 -4.94 -3.53
CA VAL A 21 -4.01 -5.85 -4.47
C VAL A 21 -5.48 -5.41 -4.58
N LEU A 22 -5.97 -5.20 -5.78
CA LEU A 22 -7.40 -4.78 -5.95
C LEU A 22 -8.19 -5.95 -6.55
N TYR A 23 -9.16 -6.45 -5.82
CA TYR A 23 -9.96 -7.59 -6.34
C TYR A 23 -11.40 -7.55 -5.82
N ARG A 24 -12.35 -8.00 -6.62
CA ARG A 24 -13.79 -8.01 -6.20
C ARG A 24 -14.23 -6.63 -5.67
N GLY A 25 -13.68 -5.57 -6.21
CA GLY A 25 -14.06 -4.20 -5.75
C GLY A 25 -13.54 -3.99 -4.33
N ARG A 26 -12.46 -4.64 -3.96
CA ARG A 26 -11.90 -4.49 -2.60
C ARG A 26 -10.40 -4.18 -2.70
N CYS A 27 -9.90 -3.33 -1.85
CA CYS A 27 -8.44 -2.99 -1.92
C CYS A 27 -7.68 -3.63 -0.74
N TYR A 28 -6.69 -4.42 -1.04
CA TYR A 28 -5.88 -5.08 0.02
C TYR A 28 -4.50 -4.43 0.07
N CYS A 29 -4.31 -3.48 0.94
CA CYS A 29 -2.99 -2.78 1.02
C CYS A 29 -2.24 -3.14 2.30
N LYS A 30 -0.94 -2.94 2.30
CA LYS A 30 -0.11 -3.28 3.49
C LYS A 30 1.19 -2.46 3.47
N CYS A 31 1.72 -2.16 4.63
CA CYS A 31 2.99 -1.37 4.71
C CYS A 31 3.96 -2.07 5.66
N LEU A 32 5.16 -2.35 5.22
CA LEU A 32 6.15 -3.05 6.10
C LEU A 32 7.54 -2.43 5.98
N ARG A 33 8.51 -3.00 6.68
CA ARG A 33 9.91 -2.47 6.63
C ARG A 33 9.93 -0.97 6.98
N CYS A 34 9.44 -0.63 8.15
CA CYS A 34 9.40 0.80 8.55
C CYS A 34 10.51 1.11 9.58
N SER A 1 -6.39 4.23 -9.21
CA SER A 1 -5.04 3.71 -8.84
C SER A 1 -4.94 3.52 -7.31
N CYS A 2 -5.34 2.37 -6.82
CA CYS A 2 -5.27 2.12 -5.35
C CYS A 2 -3.84 1.71 -4.94
N ALA A 3 -3.17 0.94 -5.76
CA ALA A 3 -1.78 0.51 -5.43
C ALA A 3 -0.86 1.73 -5.22
N SER A 4 -0.99 2.73 -6.06
CA SER A 4 -0.14 3.96 -5.90
C SER A 4 -0.51 4.68 -4.61
N ARG A 5 -1.79 4.73 -4.29
CA ARG A 5 -2.22 5.42 -3.04
C ARG A 5 -1.61 4.71 -1.82
N CYS A 6 -1.60 3.40 -1.82
CA CYS A 6 -1.01 2.64 -0.68
C CYS A 6 0.50 2.89 -0.63
N LYS A 7 1.14 3.00 -1.76
CA LYS A 7 2.61 3.24 -1.79
C LYS A 7 2.91 4.57 -1.10
N GLY A 8 2.12 5.59 -1.37
CA GLY A 8 2.34 6.91 -0.72
C GLY A 8 2.08 6.79 0.79
N HIS A 9 1.09 6.02 1.17
CA HIS A 9 0.79 5.85 2.63
C HIS A 9 1.98 5.16 3.34
N CYS A 10 2.57 4.19 2.70
CA CYS A 10 3.73 3.48 3.31
C CYS A 10 4.96 4.40 3.32
N ARG A 11 5.15 5.14 2.26
CA ARG A 11 6.30 6.09 2.21
C ARG A 11 6.10 7.19 3.25
N ALA A 12 4.88 7.66 3.41
CA ALA A 12 4.60 8.72 4.42
C ALA A 12 4.82 8.16 5.84
N ARG A 13 4.62 6.87 6.03
CA ARG A 13 4.84 6.27 7.37
C ARG A 13 6.32 5.83 7.54
N ARG A 14 7.18 6.23 6.64
CA ARG A 14 8.63 5.85 6.72
C ARG A 14 8.79 4.33 6.55
N CYS A 15 8.32 3.79 5.46
CA CYS A 15 8.45 2.32 5.22
C CYS A 15 9.06 2.06 3.84
N GLY A 16 9.83 1.01 3.72
CA GLY A 16 10.47 0.70 2.40
C GLY A 16 9.73 -0.43 1.68
N TYR A 17 8.80 -1.11 2.34
CA TYR A 17 8.07 -2.22 1.66
C TYR A 17 6.56 -2.05 1.81
N TYR A 18 5.81 -2.37 0.80
CA TYR A 18 4.32 -2.25 0.88
C TYR A 18 3.65 -3.19 -0.13
N VAL A 19 2.52 -3.73 0.23
CA VAL A 19 1.79 -4.65 -0.70
C VAL A 19 0.46 -4.03 -1.11
N SER A 20 -0.03 -4.35 -2.28
CA SER A 20 -1.32 -3.78 -2.74
C SER A 20 -2.01 -4.71 -3.75
N VAL A 21 -3.29 -4.91 -3.59
CA VAL A 21 -4.03 -5.82 -4.52
C VAL A 21 -5.50 -5.37 -4.63
N LEU A 22 -6.01 -5.22 -5.82
CA LEU A 22 -7.43 -4.80 -5.98
C LEU A 22 -8.26 -5.98 -6.49
N TYR A 23 -9.16 -6.48 -5.68
CA TYR A 23 -9.99 -7.65 -6.10
C TYR A 23 -11.40 -7.56 -5.48
N ARG A 24 -12.38 -8.11 -6.15
CA ARG A 24 -13.78 -8.09 -5.63
C ARG A 24 -14.23 -6.66 -5.29
N GLY A 25 -13.69 -5.67 -5.96
CA GLY A 25 -14.08 -4.27 -5.68
C GLY A 25 -13.54 -3.85 -4.31
N ARG A 26 -12.47 -4.46 -3.86
CA ARG A 26 -11.89 -4.12 -2.53
C ARG A 26 -10.37 -3.94 -2.67
N CYS A 27 -9.80 -3.07 -1.89
CA CYS A 27 -8.33 -2.85 -1.99
C CYS A 27 -7.60 -3.49 -0.79
N TYR A 28 -6.70 -4.39 -1.08
CA TYR A 28 -5.93 -5.07 0.00
C TYR A 28 -4.50 -4.51 0.02
N CYS A 29 -4.21 -3.61 0.92
CA CYS A 29 -2.85 -3.01 0.96
C CYS A 29 -2.14 -3.31 2.29
N LYS A 30 -0.83 -3.18 2.29
CA LYS A 30 -0.03 -3.44 3.52
C LYS A 30 1.24 -2.60 3.51
N CYS A 31 1.81 -2.35 4.67
CA CYS A 31 3.05 -1.53 4.76
C CYS A 31 4.04 -2.21 5.72
N LEU A 32 5.27 -2.40 5.30
CA LEU A 32 6.27 -3.08 6.18
C LEU A 32 7.65 -2.42 6.03
N ARG A 33 8.64 -2.94 6.73
CA ARG A 33 10.02 -2.37 6.67
C ARG A 33 10.00 -0.89 7.02
N CYS A 34 9.48 -0.55 8.18
CA CYS A 34 9.41 0.88 8.60
C CYS A 34 10.50 1.19 9.64
N SER A 1 -6.39 4.27 -8.73
CA SER A 1 -5.19 3.41 -8.48
C SER A 1 -4.97 3.25 -6.96
N CYS A 2 -5.46 2.17 -6.41
CA CYS A 2 -5.30 1.94 -4.93
C CYS A 2 -3.82 1.65 -4.61
N ALA A 3 -3.15 0.91 -5.46
CA ALA A 3 -1.72 0.57 -5.21
C ALA A 3 -0.85 1.84 -5.15
N SER A 4 -1.09 2.80 -6.02
CA SER A 4 -0.27 4.04 -5.99
C SER A 4 -0.58 4.87 -4.73
N ARG A 5 -1.83 4.88 -4.31
CA ARG A 5 -2.20 5.65 -3.08
C ARG A 5 -1.67 4.94 -1.84
N CYS A 6 -1.74 3.63 -1.84
CA CYS A 6 -1.23 2.85 -0.68
C CYS A 6 0.29 2.96 -0.60
N LYS A 7 0.96 2.99 -1.75
CA LYS A 7 2.44 3.11 -1.76
C LYS A 7 2.85 4.45 -1.12
N GLY A 8 2.13 5.51 -1.44
CA GLY A 8 2.44 6.85 -0.85
C GLY A 8 2.22 6.80 0.67
N HIS A 9 1.17 6.13 1.10
CA HIS A 9 0.90 6.02 2.58
C HIS A 9 2.05 5.32 3.28
N CYS A 10 2.64 4.33 2.65
CA CYS A 10 3.78 3.59 3.29
C CYS A 10 5.01 4.50 3.32
N ARG A 11 5.25 5.25 2.27
CA ARG A 11 6.41 6.19 2.26
C ARG A 11 6.23 7.25 3.34
N ALA A 12 5.02 7.75 3.50
CA ALA A 12 4.76 8.77 4.56
C ALA A 12 4.98 8.16 5.95
N ARG A 13 4.76 6.87 6.08
CA ARG A 13 4.98 6.20 7.40
C ARG A 13 6.44 5.74 7.54
N ARG A 14 7.31 6.18 6.64
CA ARG A 14 8.75 5.79 6.71
C ARG A 14 8.90 4.27 6.52
N CYS A 15 8.40 3.76 5.41
CA CYS A 15 8.50 2.29 5.16
C CYS A 15 9.15 2.03 3.81
N GLY A 16 9.94 0.98 3.70
CA GLY A 16 10.61 0.66 2.41
C GLY A 16 9.88 -0.49 1.70
N TYR A 17 8.84 -1.02 2.28
CA TYR A 17 8.11 -2.15 1.61
C TYR A 17 6.60 -1.94 1.73
N TYR A 18 5.86 -2.40 0.77
CA TYR A 18 4.37 -2.24 0.82
C TYR A 18 3.68 -3.29 -0.06
N VAL A 19 2.44 -3.59 0.22
CA VAL A 19 1.69 -4.59 -0.60
C VAL A 19 0.35 -3.99 -1.04
N SER A 20 -0.10 -4.31 -2.22
CA SER A 20 -1.41 -3.75 -2.70
C SER A 20 -2.08 -4.72 -3.68
N VAL A 21 -3.35 -4.97 -3.48
CA VAL A 21 -4.08 -5.92 -4.39
C VAL A 21 -5.57 -5.52 -4.47
N LEU A 22 -6.10 -5.42 -5.67
CA LEU A 22 -7.54 -5.06 -5.80
C LEU A 22 -8.33 -6.28 -6.28
N TYR A 23 -9.24 -6.77 -5.46
CA TYR A 23 -10.03 -7.98 -5.85
C TYR A 23 -11.53 -7.77 -5.62
N ARG A 24 -12.32 -8.06 -6.63
CA ARG A 24 -13.80 -7.90 -6.52
C ARG A 24 -14.21 -6.50 -6.03
N GLY A 25 -13.43 -5.49 -6.37
CA GLY A 25 -13.77 -4.11 -5.95
C GLY A 25 -13.26 -3.83 -4.53
N ARG A 26 -12.45 -4.70 -3.97
CA ARG A 26 -11.92 -4.48 -2.60
C ARG A 26 -10.42 -4.20 -2.67
N CYS A 27 -9.92 -3.33 -1.84
CA CYS A 27 -8.47 -3.00 -1.88
C CYS A 27 -7.72 -3.62 -0.68
N TYR A 28 -6.73 -4.43 -0.96
CA TYR A 28 -5.92 -5.06 0.12
C TYR A 28 -4.54 -4.40 0.15
N CYS A 29 -4.34 -3.46 1.04
CA CYS A 29 -3.03 -2.75 1.10
C CYS A 29 -2.26 -3.09 2.37
N LYS A 30 -0.96 -2.99 2.32
CA LYS A 30 -0.11 -3.29 3.51
C LYS A 30 1.18 -2.46 3.48
N CYS A 31 1.74 -2.19 4.62
CA CYS A 31 2.99 -1.38 4.70
C CYS A 31 3.99 -2.11 5.60
N LEU A 32 5.19 -2.32 5.13
CA LEU A 32 6.21 -3.06 5.95
C LEU A 32 7.59 -2.40 5.85
N ARG A 33 8.58 -2.97 6.50
CA ARG A 33 9.97 -2.40 6.47
C ARG A 33 9.94 -0.93 6.90
N CYS A 34 9.38 -0.66 8.05
CA CYS A 34 9.31 0.75 8.54
C CYS A 34 10.36 0.99 9.63
N SER A 1 -5.41 5.11 -8.71
CA SER A 1 -4.82 3.75 -8.49
C SER A 1 -4.80 3.40 -7.01
N CYS A 2 -5.53 2.40 -6.60
CA CYS A 2 -5.55 2.01 -5.16
C CYS A 2 -4.14 1.63 -4.70
N ALA A 3 -3.43 0.86 -5.49
CA ALA A 3 -2.04 0.47 -5.10
C ALA A 3 -1.13 1.70 -5.02
N SER A 4 -1.34 2.67 -5.88
CA SER A 4 -0.49 3.90 -5.83
C SER A 4 -0.78 4.71 -4.57
N ARG A 5 -2.03 4.76 -4.16
CA ARG A 5 -2.39 5.53 -2.91
C ARG A 5 -1.81 4.82 -1.68
N CYS A 6 -1.87 3.50 -1.67
CA CYS A 6 -1.32 2.74 -0.52
C CYS A 6 0.20 2.89 -0.46
N LYS A 7 0.84 2.95 -1.61
CA LYS A 7 2.32 3.12 -1.65
C LYS A 7 2.69 4.46 -1.00
N GLY A 8 1.95 5.50 -1.29
CA GLY A 8 2.23 6.83 -0.68
C GLY A 8 2.05 6.74 0.83
N HIS A 9 1.04 6.02 1.28
CA HIS A 9 0.82 5.88 2.76
C HIS A 9 2.05 5.23 3.41
N CYS A 10 2.55 4.17 2.82
CA CYS A 10 3.76 3.48 3.38
C CYS A 10 4.97 4.42 3.28
N ARG A 11 5.09 5.12 2.18
CA ARG A 11 6.24 6.07 2.01
C ARG A 11 6.10 7.21 3.02
N ALA A 12 4.89 7.66 3.27
CA ALA A 12 4.67 8.77 4.25
C ALA A 12 5.03 8.29 5.66
N ARG A 13 4.84 7.02 5.95
CA ARG A 13 5.18 6.49 7.30
C ARG A 13 6.66 6.04 7.34
N ARG A 14 7.42 6.37 6.33
CA ARG A 14 8.87 5.98 6.29
C ARG A 14 9.01 4.45 6.21
N CYS A 15 8.45 3.84 5.20
CA CYS A 15 8.56 2.36 5.06
C CYS A 15 9.20 2.02 3.72
N GLY A 16 10.01 0.99 3.68
CA GLY A 16 10.68 0.60 2.41
C GLY A 16 9.96 -0.59 1.75
N TYR A 17 8.83 -1.01 2.27
CA TYR A 17 8.11 -2.16 1.66
C TYR A 17 6.60 -2.01 1.83
N TYR A 18 5.83 -2.43 0.85
CA TYR A 18 4.34 -2.32 0.98
C TYR A 18 3.65 -3.30 0.00
N VAL A 19 2.48 -3.76 0.35
CA VAL A 19 1.74 -4.70 -0.54
C VAL A 19 0.41 -4.07 -0.97
N SER A 20 -0.04 -4.37 -2.16
CA SER A 20 -1.34 -3.79 -2.64
C SER A 20 -1.99 -4.73 -3.66
N VAL A 21 -3.26 -5.00 -3.50
CA VAL A 21 -3.99 -5.91 -4.44
C VAL A 21 -5.47 -5.53 -4.52
N LEU A 22 -6.00 -5.39 -5.71
CA LEU A 22 -7.45 -5.03 -5.85
C LEU A 22 -8.23 -6.25 -6.37
N TYR A 23 -9.28 -6.62 -5.68
CA TYR A 23 -10.08 -7.81 -6.11
C TYR A 23 -11.59 -7.59 -5.87
N ARG A 24 -12.38 -7.78 -6.90
CA ARG A 24 -13.86 -7.61 -6.79
C ARG A 24 -14.24 -6.24 -6.21
N GLY A 25 -13.40 -5.25 -6.40
CA GLY A 25 -13.71 -3.88 -5.86
C GLY A 25 -13.19 -3.74 -4.43
N ARG A 26 -12.38 -4.67 -3.98
CA ARG A 26 -11.83 -4.59 -2.59
C ARG A 26 -10.33 -4.31 -2.66
N CYS A 27 -9.83 -3.42 -1.84
CA CYS A 27 -8.38 -3.11 -1.89
C CYS A 27 -7.64 -3.73 -0.70
N TYR A 28 -6.63 -4.52 -1.00
CA TYR A 28 -5.82 -5.17 0.07
C TYR A 28 -4.46 -4.48 0.14
N CYS A 29 -4.29 -3.55 1.05
CA CYS A 29 -3.00 -2.82 1.14
C CYS A 29 -2.25 -3.16 2.44
N LYS A 30 -0.93 -3.08 2.39
CA LYS A 30 -0.11 -3.38 3.60
C LYS A 30 1.18 -2.56 3.57
N CYS A 31 1.75 -2.28 4.72
CA CYS A 31 3.01 -1.48 4.77
C CYS A 31 4.01 -2.18 5.72
N LEU A 32 5.23 -2.38 5.28
CA LEU A 32 6.24 -3.06 6.14
C LEU A 32 7.61 -2.38 6.02
N ARG A 33 8.60 -2.91 6.71
CA ARG A 33 9.98 -2.32 6.68
C ARG A 33 9.93 -0.82 7.02
N CYS A 34 9.35 -0.48 8.14
CA CYS A 34 9.25 0.95 8.53
C CYS A 34 10.30 1.28 9.61
N SER A 1 -4.59 2.61 -9.37
CA SER A 1 -4.99 3.83 -8.59
C SER A 1 -4.87 3.56 -7.09
N CYS A 2 -5.61 2.59 -6.58
CA CYS A 2 -5.55 2.27 -5.11
C CYS A 2 -4.12 1.87 -4.72
N ALA A 3 -3.46 1.08 -5.54
CA ALA A 3 -2.06 0.65 -5.22
C ALA A 3 -1.14 1.87 -5.11
N SER A 4 -1.30 2.84 -5.98
CA SER A 4 -0.43 4.06 -5.93
C SER A 4 -0.69 4.84 -4.63
N ARG A 5 -1.93 4.90 -4.21
CA ARG A 5 -2.25 5.64 -2.95
C ARG A 5 -1.64 4.90 -1.75
N CYS A 6 -1.70 3.60 -1.76
CA CYS A 6 -1.11 2.80 -0.64
C CYS A 6 0.41 2.97 -0.60
N LYS A 7 1.03 3.05 -1.75
CA LYS A 7 2.51 3.24 -1.79
C LYS A 7 2.88 4.57 -1.12
N GLY A 8 2.13 5.61 -1.41
CA GLY A 8 2.41 6.94 -0.79
C GLY A 8 2.19 6.85 0.73
N HIS A 9 1.17 6.12 1.15
CA HIS A 9 0.92 5.98 2.62
C HIS A 9 2.11 5.28 3.30
N CYS A 10 2.62 4.23 2.71
CA CYS A 10 3.79 3.51 3.31
C CYS A 10 5.02 4.43 3.29
N ARG A 11 5.20 5.18 2.22
CA ARG A 11 6.37 6.10 2.16
C ARG A 11 6.20 7.21 3.21
N ALA A 12 4.99 7.69 3.38
CA ALA A 12 4.73 8.74 4.41
C ALA A 12 4.93 8.17 5.81
N ARG A 13 4.76 6.87 5.96
CA ARG A 13 4.95 6.22 7.29
C ARG A 13 6.42 5.78 7.47
N ARG A 14 7.30 6.18 6.57
CA ARG A 14 8.74 5.78 6.66
C ARG A 14 8.88 4.26 6.52
N CYS A 15 8.38 3.71 5.45
CA CYS A 15 8.48 2.23 5.24
C CYS A 15 9.15 1.93 3.89
N GLY A 16 9.91 0.86 3.83
CA GLY A 16 10.59 0.51 2.56
C GLY A 16 9.87 -0.63 1.84
N TYR A 17 8.79 -1.14 2.39
CA TYR A 17 8.06 -2.25 1.71
C TYR A 17 6.54 -2.07 1.82
N TYR A 18 5.81 -2.40 0.79
CA TYR A 18 4.32 -2.26 0.85
C TYR A 18 3.66 -3.21 -0.15
N VAL A 19 2.48 -3.69 0.18
CA VAL A 19 1.76 -4.62 -0.74
C VAL A 19 0.42 -3.99 -1.16
N SER A 20 -0.03 -4.27 -2.35
CA SER A 20 -1.33 -3.68 -2.82
C SER A 20 -2.00 -4.62 -3.84
N VAL A 21 -3.29 -4.82 -3.67
CA VAL A 21 -4.04 -5.72 -4.61
C VAL A 21 -5.51 -5.28 -4.70
N LEU A 22 -6.01 -5.09 -5.89
CA LEU A 22 -7.44 -4.67 -6.04
C LEU A 22 -8.26 -5.84 -6.61
N TYR A 23 -9.11 -6.43 -5.80
CA TYR A 23 -9.92 -7.58 -6.29
C TYR A 23 -11.28 -7.61 -5.59
N ARG A 24 -12.27 -8.25 -6.20
CA ARG A 24 -13.63 -8.34 -5.60
C ARG A 24 -14.16 -6.95 -5.22
N GLY A 25 -13.77 -5.93 -5.95
CA GLY A 25 -14.23 -4.55 -5.63
C GLY A 25 -13.69 -4.14 -4.25
N ARG A 26 -12.53 -4.63 -3.90
CA ARG A 26 -11.93 -4.28 -2.57
C ARG A 26 -10.43 -4.03 -2.72
N CYS A 27 -9.89 -3.18 -1.89
CA CYS A 27 -8.44 -2.88 -1.98
C CYS A 27 -7.68 -3.53 -0.81
N TYR A 28 -6.72 -4.36 -1.13
CA TYR A 28 -5.91 -5.03 -0.08
C TYR A 28 -4.51 -4.41 -0.05
N CYS A 29 -4.26 -3.54 0.90
CA CYS A 29 -2.92 -2.88 0.97
C CYS A 29 -2.20 -3.22 2.27
N LYS A 30 -0.89 -3.14 2.24
CA LYS A 30 -0.08 -3.46 3.45
C LYS A 30 1.20 -2.61 3.46
N CYS A 31 1.72 -2.30 4.63
CA CYS A 31 2.96 -1.48 4.73
C CYS A 31 3.93 -2.15 5.71
N LEU A 32 5.16 -2.37 5.29
CA LEU A 32 6.15 -3.04 6.19
C LEU A 32 7.53 -2.38 6.06
N ARG A 33 8.53 -2.94 6.71
CA ARG A 33 9.92 -2.36 6.65
C ARG A 33 9.89 -0.89 7.08
N CYS A 34 9.27 -0.60 8.20
CA CYS A 34 9.20 0.81 8.68
C CYS A 34 10.23 1.05 9.79
N SER A 1 -4.48 2.61 -9.40
CA SER A 1 -4.90 3.82 -8.63
C SER A 1 -4.81 3.55 -7.12
N CYS A 2 -5.54 2.57 -6.62
CA CYS A 2 -5.49 2.25 -5.17
C CYS A 2 -4.07 1.86 -4.74
N ALA A 3 -3.38 1.09 -5.54
CA ALA A 3 -1.99 0.67 -5.19
C ALA A 3 -1.08 1.90 -5.08
N SER A 4 -1.24 2.86 -5.97
CA SER A 4 -0.39 4.09 -5.91
C SER A 4 -0.66 4.87 -4.62
N ARG A 5 -1.91 4.93 -4.20
CA ARG A 5 -2.25 5.67 -2.94
C ARG A 5 -1.66 4.92 -1.75
N CYS A 6 -1.73 3.61 -1.76
CA CYS A 6 -1.16 2.81 -0.63
C CYS A 6 0.36 2.98 -0.58
N LYS A 7 1.00 3.05 -1.73
CA LYS A 7 2.48 3.24 -1.75
C LYS A 7 2.84 4.56 -1.07
N GLY A 8 2.09 5.61 -1.33
CA GLY A 8 2.36 6.93 -0.70
C GLY A 8 2.13 6.81 0.81
N HIS A 9 1.11 6.08 1.21
CA HIS A 9 0.82 5.91 2.67
C HIS A 9 2.00 5.21 3.37
N CYS A 10 2.56 4.21 2.74
CA CYS A 10 3.73 3.50 3.35
C CYS A 10 4.95 4.41 3.32
N ARG A 11 5.13 5.15 2.24
CA ARG A 11 6.29 6.09 2.15
C ARG A 11 6.12 7.19 3.21
N ALA A 12 4.90 7.66 3.41
CA ALA A 12 4.66 8.71 4.44
C ALA A 12 4.98 8.17 5.84
N ARG A 13 4.79 6.89 6.06
CA ARG A 13 5.09 6.30 7.40
C ARG A 13 6.57 5.86 7.47
N ARG A 14 7.37 6.24 6.48
CA ARG A 14 8.82 5.86 6.47
C ARG A 14 8.97 4.34 6.34
N CYS A 15 8.39 3.75 5.33
CA CYS A 15 8.49 2.28 5.14
C CYS A 15 9.13 1.97 3.78
N GLY A 16 9.93 0.93 3.72
CA GLY A 16 10.60 0.56 2.45
C GLY A 16 9.88 -0.62 1.78
N TYR A 17 8.76 -1.07 2.32
CA TYR A 17 8.04 -2.21 1.70
C TYR A 17 6.53 -2.03 1.83
N TYR A 18 5.78 -2.41 0.83
CA TYR A 18 4.29 -2.27 0.91
C TYR A 18 3.61 -3.23 -0.08
N VAL A 19 2.44 -3.70 0.25
CA VAL A 19 1.71 -4.63 -0.66
C VAL A 19 0.40 -3.99 -1.11
N SER A 20 -0.06 -4.30 -2.29
CA SER A 20 -1.33 -3.70 -2.79
C SER A 20 -2.01 -4.63 -3.80
N VAL A 21 -3.29 -4.84 -3.64
CA VAL A 21 -4.04 -5.75 -4.58
C VAL A 21 -5.51 -5.31 -4.68
N LEU A 22 -6.01 -5.13 -5.88
CA LEU A 22 -7.44 -4.71 -6.03
C LEU A 22 -8.25 -5.89 -6.59
N TYR A 23 -9.10 -6.47 -5.78
CA TYR A 23 -9.91 -7.63 -6.25
C TYR A 23 -11.30 -7.64 -5.60
N ARG A 24 -12.27 -8.24 -6.26
CA ARG A 24 -13.66 -8.31 -5.71
C ARG A 24 -14.18 -6.93 -5.32
N GLY A 25 -13.74 -5.89 -6.00
CA GLY A 25 -14.20 -4.51 -5.67
C GLY A 25 -13.66 -4.11 -4.29
N ARG A 26 -12.52 -4.62 -3.92
CA ARG A 26 -11.93 -4.29 -2.59
C ARG A 26 -10.43 -4.03 -2.73
N CYS A 27 -9.89 -3.17 -1.91
CA CYS A 27 -8.43 -2.88 -1.99
C CYS A 27 -7.68 -3.51 -0.82
N TYR A 28 -6.73 -4.36 -1.12
CA TYR A 28 -5.94 -5.03 -0.05
C TYR A 28 -4.53 -4.42 -0.02
N CYS A 29 -4.29 -3.51 0.90
CA CYS A 29 -2.95 -2.85 0.96
C CYS A 29 -2.21 -3.21 2.26
N LYS A 30 -0.90 -3.10 2.23
CA LYS A 30 -0.08 -3.43 3.44
C LYS A 30 1.19 -2.57 3.46
N CYS A 31 1.73 -2.34 4.63
CA CYS A 31 2.97 -1.52 4.75
C CYS A 31 3.94 -2.21 5.71
N LEU A 32 5.18 -2.40 5.31
CA LEU A 32 6.18 -3.08 6.19
C LEU A 32 7.56 -2.43 6.07
N ARG A 33 8.53 -2.97 6.79
CA ARG A 33 9.92 -2.40 6.74
C ARG A 33 9.90 -0.90 7.08
N CYS A 34 9.35 -0.55 8.21
CA CYS A 34 9.28 0.90 8.59
C CYS A 34 10.33 1.22 9.67
N SER A 1 -5.47 5.19 -8.71
CA SER A 1 -4.89 3.84 -8.48
C SER A 1 -4.83 3.53 -6.97
N CYS A 2 -5.54 2.51 -6.55
CA CYS A 2 -5.53 2.15 -5.09
C CYS A 2 -4.10 1.77 -4.67
N ALA A 3 -3.41 1.01 -5.48
CA ALA A 3 -2.02 0.61 -5.14
C ALA A 3 -1.11 1.84 -5.08
N SER A 4 -1.31 2.80 -5.96
CA SER A 4 -0.47 4.03 -5.96
C SER A 4 -0.71 4.83 -4.66
N ARG A 5 -1.94 4.91 -4.22
CA ARG A 5 -2.23 5.66 -2.96
C ARG A 5 -1.64 4.92 -1.76
N CYS A 6 -1.74 3.62 -1.76
CA CYS A 6 -1.18 2.82 -0.62
C CYS A 6 0.35 2.94 -0.58
N LYS A 7 1.00 3.02 -1.72
CA LYS A 7 2.48 3.16 -1.73
C LYS A 7 2.86 4.50 -1.09
N GLY A 8 2.14 5.55 -1.39
CA GLY A 8 2.43 6.87 -0.78
C GLY A 8 2.20 6.81 0.73
N HIS A 9 1.18 6.11 1.16
CA HIS A 9 0.90 5.99 2.62
C HIS A 9 2.08 5.29 3.31
N CYS A 10 2.54 4.20 2.77
CA CYS A 10 3.70 3.47 3.37
C CYS A 10 4.95 4.37 3.34
N ARG A 11 5.15 5.08 2.25
CA ARG A 11 6.33 5.99 2.16
C ARG A 11 6.18 7.12 3.18
N ALA A 12 4.97 7.62 3.35
CA ALA A 12 4.74 8.72 4.34
C ALA A 12 5.09 8.23 5.75
N ARG A 13 4.84 6.97 6.04
CA ARG A 13 5.18 6.42 7.38
C ARG A 13 6.66 6.00 7.44
N ARG A 14 7.42 6.29 6.40
CA ARG A 14 8.87 5.94 6.36
C ARG A 14 9.04 4.41 6.25
N CYS A 15 8.34 3.79 5.33
CA CYS A 15 8.46 2.31 5.16
C CYS A 15 9.11 1.98 3.82
N GLY A 16 9.83 0.89 3.75
CA GLY A 16 10.51 0.51 2.49
C GLY A 16 9.77 -0.64 1.79
N TYR A 17 8.78 -1.22 2.43
CA TYR A 17 8.03 -2.35 1.79
C TYR A 17 6.53 -2.13 1.89
N TYR A 18 5.79 -2.48 0.87
CA TYR A 18 4.31 -2.31 0.91
C TYR A 18 3.64 -3.26 -0.09
N VAL A 19 2.46 -3.73 0.23
CA VAL A 19 1.73 -4.65 -0.69
C VAL A 19 0.41 -4.01 -1.11
N SER A 20 -0.06 -4.30 -2.30
CA SER A 20 -1.34 -3.71 -2.78
C SER A 20 -2.01 -4.65 -3.80
N VAL A 21 -3.29 -4.88 -3.64
CA VAL A 21 -4.02 -5.79 -4.58
C VAL A 21 -5.50 -5.39 -4.66
N LEU A 22 -6.03 -5.23 -5.84
CA LEU A 22 -7.46 -4.85 -5.98
C LEU A 22 -8.26 -6.06 -6.50
N TYR A 23 -9.07 -6.64 -5.66
CA TYR A 23 -9.86 -7.83 -6.09
C TYR A 23 -11.30 -7.76 -5.56
N ARG A 24 -12.25 -8.29 -6.31
CA ARG A 24 -13.68 -8.27 -5.87
C ARG A 24 -14.14 -6.85 -5.53
N GLY A 25 -13.58 -5.86 -6.17
CA GLY A 25 -13.97 -4.45 -5.88
C GLY A 25 -13.48 -4.06 -4.47
N ARG A 26 -12.45 -4.72 -3.99
CA ARG A 26 -11.91 -4.40 -2.64
C ARG A 26 -10.42 -4.12 -2.74
N CYS A 27 -9.89 -3.28 -1.89
CA CYS A 27 -8.44 -2.97 -1.96
C CYS A 27 -7.69 -3.63 -0.81
N TYR A 28 -6.69 -4.42 -1.13
CA TYR A 28 -5.88 -5.11 -0.09
C TYR A 28 -4.50 -4.43 -0.02
N CYS A 29 -4.32 -3.51 0.90
CA CYS A 29 -3.02 -2.80 0.99
C CYS A 29 -2.28 -3.17 2.28
N LYS A 30 -0.97 -3.10 2.25
CA LYS A 30 -0.14 -3.43 3.45
C LYS A 30 1.14 -2.59 3.46
N CYS A 31 1.69 -2.36 4.63
CA CYS A 31 2.94 -1.54 4.74
C CYS A 31 3.90 -2.23 5.73
N LEU A 32 5.14 -2.39 5.34
CA LEU A 32 6.13 -3.07 6.25
C LEU A 32 7.51 -2.40 6.14
N ARG A 33 8.48 -2.92 6.86
CA ARG A 33 9.87 -2.35 6.84
C ARG A 33 9.83 -0.85 7.16
N CYS A 34 9.22 -0.49 8.28
CA CYS A 34 9.13 0.95 8.65
C CYS A 34 10.17 1.29 9.74
N SER A 1 -3.99 2.38 -9.43
CA SER A 1 -4.39 3.60 -8.66
C SER A 1 -4.43 3.32 -7.16
N CYS A 2 -5.19 2.34 -6.74
CA CYS A 2 -5.28 2.01 -5.27
C CYS A 2 -3.88 1.69 -4.71
N ALA A 3 -3.06 1.00 -5.48
CA ALA A 3 -1.69 0.66 -4.99
C ALA A 3 -0.86 1.93 -4.81
N SER A 4 -0.97 2.87 -5.71
CA SER A 4 -0.19 4.15 -5.58
C SER A 4 -0.64 4.92 -4.34
N ARG A 5 -1.92 4.95 -4.06
CA ARG A 5 -2.42 5.68 -2.86
C ARG A 5 -1.90 4.98 -1.60
N CYS A 6 -1.90 3.67 -1.59
CA CYS A 6 -1.39 2.92 -0.42
C CYS A 6 0.13 3.04 -0.35
N LYS A 7 0.79 3.11 -1.48
CA LYS A 7 2.28 3.26 -1.50
C LYS A 7 2.65 4.61 -0.88
N GLY A 8 1.91 5.64 -1.19
CA GLY A 8 2.20 6.99 -0.61
C GLY A 8 2.02 6.92 0.91
N HIS A 9 0.99 6.24 1.35
CA HIS A 9 0.76 6.11 2.83
C HIS A 9 1.94 5.38 3.48
N CYS A 10 2.40 4.30 2.85
CA CYS A 10 3.56 3.54 3.40
C CYS A 10 4.81 4.41 3.34
N ARG A 11 5.00 5.14 2.26
CA ARG A 11 6.18 6.04 2.15
C ARG A 11 6.10 7.13 3.21
N ALA A 12 4.91 7.66 3.45
CA ALA A 12 4.74 8.72 4.49
C ALA A 12 5.12 8.17 5.87
N ARG A 13 4.84 6.91 6.11
CA ARG A 13 5.20 6.29 7.42
C ARG A 13 6.68 5.89 7.43
N ARG A 14 7.43 6.24 6.39
CA ARG A 14 8.88 5.88 6.31
C ARG A 14 9.06 4.37 6.13
N CYS A 15 8.34 3.79 5.20
CA CYS A 15 8.46 2.32 4.97
C CYS A 15 9.02 2.05 3.58
N GLY A 16 9.82 1.02 3.44
CA GLY A 16 10.42 0.69 2.12
C GLY A 16 9.68 -0.46 1.43
N TYR A 17 8.74 -1.09 2.10
CA TYR A 17 8.00 -2.22 1.46
C TYR A 17 6.49 -2.03 1.61
N TYR A 18 5.74 -2.42 0.61
CA TYR A 18 4.25 -2.29 0.70
C TYR A 18 3.56 -3.36 -0.15
N VAL A 19 2.43 -3.84 0.28
CA VAL A 19 1.70 -4.90 -0.49
C VAL A 19 0.29 -4.40 -0.85
N SER A 20 0.05 -4.14 -2.11
CA SER A 20 -1.31 -3.64 -2.52
C SER A 20 -1.96 -4.62 -3.51
N VAL A 21 -3.24 -4.85 -3.36
CA VAL A 21 -3.96 -5.79 -4.27
C VAL A 21 -5.43 -5.36 -4.43
N LEU A 22 -6.00 -5.56 -5.60
CA LEU A 22 -7.42 -5.18 -5.82
C LEU A 22 -8.20 -6.40 -6.31
N TYR A 23 -9.28 -6.75 -5.64
CA TYR A 23 -10.08 -7.94 -6.07
C TYR A 23 -11.56 -7.75 -5.75
N ARG A 24 -12.42 -8.07 -6.70
CA ARG A 24 -13.90 -7.94 -6.51
C ARG A 24 -14.28 -6.52 -6.06
N GLY A 25 -13.49 -5.54 -6.39
CA GLY A 25 -13.81 -4.13 -6.01
C GLY A 25 -13.31 -3.86 -4.58
N ARG A 26 -12.44 -4.69 -4.05
CA ARG A 26 -11.92 -4.46 -2.68
C ARG A 26 -10.41 -4.20 -2.75
N CYS A 27 -9.93 -3.28 -1.97
CA CYS A 27 -8.46 -2.97 -2.00
C CYS A 27 -7.77 -3.50 -0.75
N TYR A 28 -6.78 -4.34 -0.95
CA TYR A 28 -6.02 -4.92 0.19
C TYR A 28 -4.63 -4.27 0.23
N CYS A 29 -4.42 -3.35 1.14
CA CYS A 29 -3.10 -2.64 1.20
C CYS A 29 -2.32 -3.02 2.47
N LYS A 30 -1.01 -2.95 2.38
CA LYS A 30 -0.15 -3.29 3.56
C LYS A 30 1.16 -2.50 3.49
N CYS A 31 1.78 -2.28 4.63
CA CYS A 31 3.06 -1.52 4.67
C CYS A 31 4.06 -2.24 5.58
N LEU A 32 5.28 -2.40 5.12
CA LEU A 32 6.32 -3.10 5.95
C LEU A 32 7.69 -2.43 5.79
N ARG A 33 8.70 -2.97 6.45
CA ARG A 33 10.08 -2.38 6.38
C ARG A 33 10.04 -0.90 6.74
N CYS A 34 9.58 -0.58 7.92
CA CYS A 34 9.50 0.84 8.35
C CYS A 34 10.60 1.16 9.37
N SER A 1 -4.21 2.37 -9.27
CA SER A 1 -4.75 3.59 -8.59
C SER A 1 -4.73 3.40 -7.06
N CYS A 2 -5.44 2.41 -6.56
CA CYS A 2 -5.45 2.18 -5.08
C CYS A 2 -4.03 1.91 -4.58
N ALA A 3 -3.27 1.10 -5.30
CA ALA A 3 -1.87 0.81 -4.89
C ALA A 3 -1.05 2.09 -4.82
N SER A 4 -1.29 3.02 -5.72
CA SER A 4 -0.52 4.31 -5.71
C SER A 4 -0.82 5.08 -4.41
N ARG A 5 -2.08 5.11 -4.01
CA ARG A 5 -2.43 5.84 -2.76
C ARG A 5 -1.85 5.10 -1.55
N CYS A 6 -1.92 3.79 -1.56
CA CYS A 6 -1.35 2.99 -0.43
C CYS A 6 0.18 3.14 -0.41
N LYS A 7 0.78 3.26 -1.57
CA LYS A 7 2.27 3.43 -1.62
C LYS A 7 2.65 4.73 -0.92
N GLY A 8 1.93 5.79 -1.18
CA GLY A 8 2.23 7.09 -0.51
C GLY A 8 2.06 6.95 1.00
N HIS A 9 1.04 6.23 1.42
CA HIS A 9 0.83 6.04 2.89
C HIS A 9 2.03 5.31 3.51
N CYS A 10 2.51 4.29 2.85
CA CYS A 10 3.69 3.53 3.38
C CYS A 10 4.94 4.41 3.30
N ARG A 11 5.10 5.14 2.21
CA ARG A 11 6.29 6.05 2.08
C ARG A 11 6.18 7.18 3.11
N ALA A 12 4.99 7.67 3.36
CA ALA A 12 4.80 8.76 4.37
C ALA A 12 5.24 8.25 5.75
N ARG A 13 5.05 6.98 6.00
CA ARG A 13 5.46 6.40 7.33
C ARG A 13 6.93 5.93 7.28
N ARG A 14 7.64 6.24 6.21
CA ARG A 14 9.07 5.82 6.07
C ARG A 14 9.17 4.29 5.97
N CYS A 15 8.48 3.71 5.03
CA CYS A 15 8.53 2.22 4.87
C CYS A 15 9.10 1.86 3.50
N GLY A 16 9.87 0.80 3.42
CA GLY A 16 10.47 0.38 2.13
C GLY A 16 9.69 -0.81 1.53
N TYR A 17 8.63 -1.25 2.16
CA TYR A 17 7.87 -2.40 1.61
C TYR A 17 6.36 -2.14 1.72
N TYR A 18 5.60 -2.55 0.74
CA TYR A 18 4.12 -2.34 0.79
C TYR A 18 3.41 -3.39 -0.08
N VAL A 19 2.30 -3.90 0.38
CA VAL A 19 1.55 -4.93 -0.41
C VAL A 19 0.18 -4.39 -0.81
N SER A 20 -0.02 -4.11 -2.08
CA SER A 20 -1.35 -3.58 -2.53
C SER A 20 -1.99 -4.55 -3.53
N VAL A 21 -3.25 -4.86 -3.34
CA VAL A 21 -3.95 -5.82 -4.26
C VAL A 21 -5.42 -5.42 -4.43
N LEU A 22 -5.88 -5.29 -5.65
CA LEU A 22 -7.30 -4.92 -5.89
C LEU A 22 -8.05 -6.14 -6.44
N TYR A 23 -8.91 -6.73 -5.65
CA TYR A 23 -9.66 -7.94 -6.12
C TYR A 23 -11.14 -7.86 -5.72
N ARG A 24 -12.02 -8.33 -6.58
CA ARG A 24 -13.49 -8.31 -6.27
C ARG A 24 -13.95 -6.89 -5.92
N GLY A 25 -13.32 -5.89 -6.48
CA GLY A 25 -13.71 -4.47 -6.19
C GLY A 25 -13.29 -4.09 -4.77
N ARG A 26 -12.35 -4.81 -4.19
CA ARG A 26 -11.87 -4.49 -2.82
C ARG A 26 -10.38 -4.17 -2.85
N CYS A 27 -9.93 -3.28 -2.01
CA CYS A 27 -8.49 -2.93 -2.00
C CYS A 27 -7.79 -3.49 -0.77
N TYR A 28 -6.78 -4.31 -0.99
CA TYR A 28 -6.02 -4.91 0.14
C TYR A 28 -4.64 -4.24 0.21
N CYS A 29 -4.48 -3.29 1.09
CA CYS A 29 -3.16 -2.57 1.18
C CYS A 29 -2.42 -2.92 2.47
N LYS A 30 -1.12 -2.89 2.41
CA LYS A 30 -0.28 -3.22 3.62
C LYS A 30 1.04 -2.44 3.56
N CYS A 31 1.64 -2.21 4.70
CA CYS A 31 2.93 -1.46 4.74
C CYS A 31 3.93 -2.19 5.66
N LEU A 32 5.13 -2.41 5.22
CA LEU A 32 6.13 -3.12 6.06
C LEU A 32 7.53 -2.51 5.91
N ARG A 33 8.50 -3.04 6.63
CA ARG A 33 9.91 -2.52 6.56
C ARG A 33 9.92 -1.01 6.84
N CYS A 34 9.47 -0.62 8.00
CA CYS A 34 9.45 0.83 8.36
C CYS A 34 10.55 1.15 9.38
N SER A 1 -4.03 2.42 -9.47
CA SER A 1 -4.53 3.64 -8.77
C SER A 1 -4.49 3.43 -7.24
N CYS A 2 -5.23 2.46 -6.74
CA CYS A 2 -5.24 2.19 -5.27
C CYS A 2 -3.83 1.81 -4.78
N ALA A 3 -3.10 1.07 -5.57
CA ALA A 3 -1.72 0.66 -5.17
C ALA A 3 -0.82 1.88 -4.98
N SER A 4 -0.91 2.85 -5.87
CA SER A 4 -0.06 4.07 -5.73
C SER A 4 -0.47 4.86 -4.48
N ARG A 5 -1.75 4.92 -4.21
CA ARG A 5 -2.23 5.66 -2.99
C ARG A 5 -1.70 4.96 -1.73
N CYS A 6 -1.77 3.65 -1.71
CA CYS A 6 -1.26 2.90 -0.53
C CYS A 6 0.27 3.02 -0.44
N LYS A 7 0.94 3.08 -1.57
CA LYS A 7 2.43 3.22 -1.56
C LYS A 7 2.80 4.56 -0.94
N GLY A 8 2.05 5.61 -1.24
CA GLY A 8 2.35 6.95 -0.65
C GLY A 8 2.12 6.88 0.86
N HIS A 9 1.09 6.20 1.29
CA HIS A 9 0.81 6.08 2.76
C HIS A 9 1.98 5.36 3.45
N CYS A 10 2.43 4.28 2.86
CA CYS A 10 3.58 3.52 3.45
C CYS A 10 4.84 4.38 3.40
N ARG A 11 5.07 5.07 2.30
CA ARG A 11 6.27 5.96 2.21
C ARG A 11 6.14 7.08 3.25
N ALA A 12 4.95 7.62 3.41
CA ALA A 12 4.74 8.70 4.43
C ALA A 12 4.94 8.12 5.84
N ARG A 13 4.70 6.84 6.01
CA ARG A 13 4.90 6.21 7.34
C ARG A 13 6.36 5.76 7.52
N ARG A 14 7.24 6.18 6.64
CA ARG A 14 8.68 5.79 6.72
C ARG A 14 8.84 4.27 6.51
N CYS A 15 8.36 3.78 5.40
CA CYS A 15 8.47 2.32 5.10
C CYS A 15 9.02 2.11 3.69
N GLY A 16 9.85 1.11 3.51
CA GLY A 16 10.43 0.84 2.16
C GLY A 16 9.73 -0.35 1.48
N TYR A 17 8.65 -0.85 2.05
CA TYR A 17 7.95 -2.00 1.41
C TYR A 17 6.44 -1.88 1.59
N TYR A 18 5.68 -2.37 0.63
CA TYR A 18 4.19 -2.30 0.73
C TYR A 18 3.54 -3.36 -0.15
N VAL A 19 2.39 -3.84 0.23
CA VAL A 19 1.69 -4.89 -0.57
C VAL A 19 0.27 -4.39 -0.93
N SER A 20 0.01 -4.15 -2.19
CA SER A 20 -1.34 -3.66 -2.60
C SER A 20 -1.99 -4.63 -3.58
N VAL A 21 -3.28 -4.83 -3.45
CA VAL A 21 -4.01 -5.78 -4.36
C VAL A 21 -5.47 -5.32 -4.53
N LEU A 22 -5.93 -5.21 -5.75
CA LEU A 22 -7.35 -4.79 -5.97
C LEU A 22 -8.14 -5.98 -6.51
N TYR A 23 -9.05 -6.51 -5.72
CA TYR A 23 -9.85 -7.67 -6.17
C TYR A 23 -11.24 -7.66 -5.51
N ARG A 24 -12.20 -8.32 -6.12
CA ARG A 24 -13.59 -8.38 -5.56
C ARG A 24 -14.12 -6.97 -5.26
N GLY A 25 -13.70 -5.99 -6.02
CA GLY A 25 -14.17 -4.59 -5.78
C GLY A 25 -13.67 -4.11 -4.42
N ARG A 26 -12.52 -4.57 -4.00
CA ARG A 26 -11.98 -4.14 -2.68
C ARG A 26 -10.46 -3.94 -2.77
N CYS A 27 -9.93 -3.03 -2.00
CA CYS A 27 -8.46 -2.78 -2.06
C CYS A 27 -7.76 -3.37 -0.81
N TYR A 28 -6.80 -4.22 -1.04
CA TYR A 28 -6.05 -4.84 0.09
C TYR A 28 -4.65 -4.23 0.13
N CYS A 29 -4.42 -3.30 1.03
CA CYS A 29 -3.09 -2.63 1.09
C CYS A 29 -2.33 -3.01 2.37
N LYS A 30 -1.02 -2.98 2.30
CA LYS A 30 -0.17 -3.33 3.47
C LYS A 30 1.13 -2.53 3.44
N CYS A 31 1.72 -2.29 4.58
CA CYS A 31 3.00 -1.52 4.64
C CYS A 31 4.02 -2.27 5.50
N LEU A 32 5.23 -2.43 5.03
CA LEU A 32 6.27 -3.18 5.82
C LEU A 32 7.65 -2.51 5.68
N ARG A 33 8.65 -3.09 6.33
CA ARG A 33 10.04 -2.53 6.26
C ARG A 33 10.03 -1.05 6.69
N CYS A 34 9.58 -0.77 7.89
CA CYS A 34 9.53 0.64 8.37
C CYS A 34 10.66 0.91 9.37
N SER A 1 -6.21 4.65 -8.74
CA SER A 1 -5.09 3.68 -8.54
C SER A 1 -4.93 3.39 -7.04
N CYS A 2 -5.62 2.38 -6.55
CA CYS A 2 -5.52 2.02 -5.10
C CYS A 2 -4.07 1.62 -4.74
N ALA A 3 -3.45 0.79 -5.55
CA ALA A 3 -2.05 0.37 -5.26
C ALA A 3 -1.14 1.60 -5.13
N SER A 4 -1.32 2.58 -5.98
CA SER A 4 -0.47 3.81 -5.89
C SER A 4 -0.78 4.55 -4.59
N ARG A 5 -2.02 4.62 -4.20
CA ARG A 5 -2.39 5.31 -2.92
C ARG A 5 -1.72 4.62 -1.73
N CYS A 6 -1.69 3.31 -1.74
CA CYS A 6 -1.06 2.57 -0.61
C CYS A 6 0.46 2.78 -0.63
N LYS A 7 1.04 2.90 -1.80
CA LYS A 7 2.51 3.14 -1.89
C LYS A 7 2.86 4.48 -1.25
N GLY A 8 2.07 5.50 -1.51
CA GLY A 8 2.34 6.83 -0.89
C GLY A 8 2.11 6.75 0.61
N HIS A 9 1.11 6.00 1.03
CA HIS A 9 0.82 5.86 2.49
C HIS A 9 2.02 5.21 3.20
N CYS A 10 2.60 4.18 2.62
CA CYS A 10 3.78 3.52 3.26
C CYS A 10 4.97 4.49 3.29
N ARG A 11 5.15 5.27 2.25
CA ARG A 11 6.27 6.25 2.23
C ARG A 11 6.04 7.30 3.33
N ALA A 12 4.82 7.72 3.51
CA ALA A 12 4.50 8.73 4.57
C ALA A 12 4.80 8.14 5.96
N ARG A 13 4.64 6.85 6.11
CA ARG A 13 4.93 6.20 7.43
C ARG A 13 6.42 5.82 7.52
N ARG A 14 7.23 6.26 6.58
CA ARG A 14 8.70 5.92 6.59
C ARG A 14 8.90 4.41 6.43
N CYS A 15 8.35 3.85 5.38
CA CYS A 15 8.51 2.38 5.14
C CYS A 15 9.12 2.12 3.77
N GLY A 16 9.96 1.12 3.66
CA GLY A 16 10.60 0.81 2.35
C GLY A 16 9.92 -0.40 1.69
N TYR A 17 8.81 -0.88 2.22
CA TYR A 17 8.13 -2.05 1.61
C TYR A 17 6.61 -1.94 1.77
N TYR A 18 5.86 -2.35 0.79
CA TYR A 18 4.38 -2.27 0.89
C TYR A 18 3.72 -3.28 -0.07
N VAL A 19 2.51 -3.70 0.25
CA VAL A 19 1.80 -4.66 -0.63
C VAL A 19 0.43 -4.10 -1.02
N SER A 20 -0.06 -4.40 -2.19
CA SER A 20 -1.39 -3.88 -2.62
C SER A 20 -2.06 -4.82 -3.62
N VAL A 21 -3.34 -5.05 -3.46
CA VAL A 21 -4.08 -5.97 -4.38
C VAL A 21 -5.55 -5.53 -4.45
N LEU A 22 -6.10 -5.40 -5.65
CA LEU A 22 -7.53 -5.00 -5.78
C LEU A 22 -8.36 -6.20 -6.25
N TYR A 23 -9.25 -6.68 -5.43
CA TYR A 23 -10.08 -7.86 -5.82
C TYR A 23 -11.58 -7.58 -5.62
N ARG A 24 -12.36 -7.81 -6.64
CA ARG A 24 -13.85 -7.59 -6.56
C ARG A 24 -14.17 -6.15 -6.12
N GLY A 25 -13.31 -5.21 -6.42
CA GLY A 25 -13.58 -3.79 -6.04
C GLY A 25 -13.06 -3.51 -4.61
N ARG A 26 -12.38 -4.46 -4.01
CA ARG A 26 -11.85 -4.24 -2.64
C ARG A 26 -10.36 -3.96 -2.72
N CYS A 27 -9.81 -3.30 -1.73
CA CYS A 27 -8.35 -2.99 -1.77
C CYS A 27 -7.61 -3.65 -0.61
N TYR A 28 -6.65 -4.48 -0.91
CA TYR A 28 -5.85 -5.17 0.14
C TYR A 28 -4.44 -4.56 0.17
N CYS A 29 -4.19 -3.65 1.08
CA CYS A 29 -2.85 -2.99 1.12
C CYS A 29 -2.11 -3.29 2.43
N LYS A 30 -0.81 -3.17 2.40
CA LYS A 30 0.02 -3.41 3.62
C LYS A 30 1.30 -2.57 3.56
N CYS A 31 1.82 -2.21 4.70
CA CYS A 31 3.08 -1.40 4.75
C CYS A 31 4.08 -2.08 5.70
N LEU A 32 5.28 -2.34 5.23
CA LEU A 32 6.29 -3.03 6.10
C LEU A 32 7.67 -2.38 5.95
N ARG A 33 8.66 -2.89 6.68
CA ARG A 33 10.04 -2.31 6.61
C ARG A 33 10.01 -0.83 6.98
N CYS A 34 9.51 -0.50 8.13
CA CYS A 34 9.43 0.93 8.55
C CYS A 34 10.51 1.25 9.59
N SER A 1 -5.92 4.85 -8.95
CA SER A 1 -4.84 3.85 -8.65
C SER A 1 -4.77 3.58 -7.14
N CYS A 2 -5.47 2.56 -6.69
CA CYS A 2 -5.46 2.23 -5.23
C CYS A 2 -4.05 1.86 -4.77
N ALA A 3 -3.38 0.98 -5.49
CA ALA A 3 -2.00 0.57 -5.11
C ALA A 3 -1.07 1.80 -5.05
N SER A 4 -1.23 2.72 -5.97
CA SER A 4 -0.37 3.94 -5.97
C SER A 4 -0.61 4.77 -4.70
N ARG A 5 -1.85 4.87 -4.28
CA ARG A 5 -2.17 5.65 -3.05
C ARG A 5 -1.60 4.92 -1.83
N CYS A 6 -1.72 3.61 -1.81
CA CYS A 6 -1.18 2.82 -0.66
C CYS A 6 0.35 2.94 -0.60
N LYS A 7 1.00 2.98 -1.75
CA LYS A 7 2.48 3.12 -1.76
C LYS A 7 2.89 4.44 -1.11
N GLY A 8 2.17 5.50 -1.41
CA GLY A 8 2.50 6.83 -0.81
C GLY A 8 2.24 6.78 0.71
N HIS A 9 1.21 6.08 1.12
CA HIS A 9 0.90 5.97 2.58
C HIS A 9 2.06 5.28 3.31
N CYS A 10 2.56 4.19 2.77
CA CYS A 10 3.71 3.48 3.41
C CYS A 10 4.94 4.40 3.39
N ARG A 11 5.16 5.09 2.30
CA ARG A 11 6.32 6.02 2.23
C ARG A 11 6.15 7.13 3.28
N ALA A 12 4.95 7.64 3.41
CA ALA A 12 4.68 8.71 4.43
C ALA A 12 4.99 8.19 5.84
N ARG A 13 4.78 6.91 6.07
CA ARG A 13 5.06 6.32 7.41
C ARG A 13 6.54 5.87 7.51
N ARG A 14 7.36 6.26 6.56
CA ARG A 14 8.81 5.87 6.57
C ARG A 14 8.95 4.35 6.41
N CYS A 15 8.40 3.79 5.37
CA CYS A 15 8.51 2.32 5.14
C CYS A 15 9.09 2.04 3.76
N GLY A 16 9.91 1.02 3.65
CA GLY A 16 10.52 0.69 2.33
C GLY A 16 9.83 -0.54 1.71
N TYR A 17 8.76 -1.02 2.29
CA TYR A 17 8.05 -2.20 1.72
C TYR A 17 6.54 -2.04 1.86
N TYR A 18 5.78 -2.51 0.90
CA TYR A 18 4.30 -2.39 1.00
C TYR A 18 3.62 -3.36 0.01
N VAL A 19 2.43 -3.78 0.33
CA VAL A 19 1.70 -4.72 -0.57
C VAL A 19 0.39 -4.06 -1.04
N SER A 20 -0.04 -4.36 -2.24
CA SER A 20 -1.32 -3.75 -2.75
C SER A 20 -1.99 -4.68 -3.75
N VAL A 21 -3.28 -4.89 -3.59
CA VAL A 21 -4.02 -5.81 -4.52
C VAL A 21 -5.48 -5.36 -4.65
N LEU A 22 -5.96 -5.20 -5.85
CA LEU A 22 -7.39 -4.78 -6.04
C LEU A 22 -8.19 -5.96 -6.60
N TYR A 23 -9.08 -6.51 -5.81
CA TYR A 23 -9.89 -7.67 -6.29
C TYR A 23 -11.29 -7.67 -5.64
N ARG A 24 -12.25 -8.27 -6.30
CA ARG A 24 -13.65 -8.34 -5.77
C ARG A 24 -14.15 -6.95 -5.34
N GLY A 25 -13.74 -5.93 -6.05
CA GLY A 25 -14.18 -4.54 -5.69
C GLY A 25 -13.65 -4.18 -4.30
N ARG A 26 -12.49 -4.68 -3.95
CA ARG A 26 -11.92 -4.38 -2.61
C ARG A 26 -10.41 -4.10 -2.75
N CYS A 27 -9.89 -3.20 -1.96
CA CYS A 27 -8.44 -2.89 -2.04
C CYS A 27 -7.69 -3.48 -0.84
N TYR A 28 -6.73 -4.32 -1.12
CA TYR A 28 -5.93 -4.95 -0.03
C TYR A 28 -4.54 -4.31 0.01
N CYS A 29 -4.30 -3.42 0.93
CA CYS A 29 -2.97 -2.75 1.01
C CYS A 29 -2.24 -3.09 2.31
N LYS A 30 -0.92 -3.05 2.27
CA LYS A 30 -0.12 -3.38 3.48
C LYS A 30 1.18 -2.54 3.49
N CYS A 31 1.71 -2.29 4.65
CA CYS A 31 2.98 -1.48 4.75
C CYS A 31 3.96 -2.18 5.70
N LEU A 32 5.17 -2.41 5.28
CA LEU A 32 6.17 -3.10 6.15
C LEU A 32 7.56 -2.46 6.03
N ARG A 33 8.52 -2.99 6.77
CA ARG A 33 9.91 -2.44 6.73
C ARG A 33 9.91 -0.94 7.04
N CYS A 34 9.45 -0.57 8.21
CA CYS A 34 9.40 0.87 8.59
C CYS A 34 10.48 1.20 9.61
N SER A 1 -6.64 4.43 -8.95
CA SER A 1 -5.29 3.89 -8.59
C SER A 1 -5.19 3.68 -7.08
N CYS A 2 -5.46 2.48 -6.62
CA CYS A 2 -5.39 2.20 -5.15
C CYS A 2 -3.95 1.85 -4.75
N ALA A 3 -3.25 1.10 -5.56
CA ALA A 3 -1.85 0.71 -5.23
C ALA A 3 -0.96 1.95 -5.10
N SER A 4 -1.11 2.91 -5.98
CA SER A 4 -0.28 4.14 -5.91
C SER A 4 -0.59 4.93 -4.64
N ARG A 5 -1.84 4.98 -4.26
CA ARG A 5 -2.21 5.73 -3.01
C ARG A 5 -1.65 5.01 -1.79
N CYS A 6 -1.74 3.71 -1.76
CA CYS A 6 -1.18 2.94 -0.61
C CYS A 6 0.35 2.99 -0.65
N LYS A 7 0.93 3.04 -1.82
CA LYS A 7 2.42 3.12 -1.92
C LYS A 7 2.90 4.43 -1.28
N GLY A 8 2.21 5.52 -1.56
CA GLY A 8 2.59 6.82 -0.96
C GLY A 8 2.36 6.76 0.56
N HIS A 9 1.30 6.12 0.98
CA HIS A 9 1.02 6.01 2.44
C HIS A 9 2.18 5.31 3.16
N CYS A 10 2.67 4.22 2.61
CA CYS A 10 3.81 3.50 3.25
C CYS A 10 5.04 4.41 3.28
N ARG A 11 5.27 5.15 2.23
CA ARG A 11 6.43 6.09 2.20
C ARG A 11 6.24 7.17 3.27
N ALA A 12 5.03 7.66 3.42
CA ALA A 12 4.75 8.70 4.46
C ALA A 12 4.93 8.10 5.86
N ARG A 13 4.69 6.82 5.99
CA ARG A 13 4.87 6.15 7.33
C ARG A 13 6.32 5.69 7.52
N ARG A 14 7.22 6.11 6.64
CA ARG A 14 8.66 5.71 6.75
C ARG A 14 8.82 4.19 6.58
N CYS A 15 8.32 3.65 5.49
CA CYS A 15 8.44 2.19 5.25
C CYS A 15 9.09 1.92 3.90
N GLY A 16 9.91 0.91 3.82
CA GLY A 16 10.59 0.58 2.54
C GLY A 16 9.90 -0.60 1.83
N TYR A 17 8.76 -1.04 2.32
CA TYR A 17 8.07 -2.19 1.66
C TYR A 17 6.54 -2.03 1.79
N TYR A 18 5.81 -2.43 0.79
CA TYR A 18 4.31 -2.32 0.86
C TYR A 18 3.66 -3.29 -0.15
N VAL A 19 2.55 -3.87 0.22
CA VAL A 19 1.86 -4.83 -0.71
C VAL A 19 0.44 -4.31 -1.04
N SER A 20 0.15 -4.09 -2.30
CA SER A 20 -1.19 -3.59 -2.68
C SER A 20 -1.86 -4.53 -3.70
N VAL A 21 -3.12 -4.81 -3.52
CA VAL A 21 -3.84 -5.74 -4.46
C VAL A 21 -5.32 -5.36 -4.55
N LEU A 22 -5.85 -5.24 -5.74
CA LEU A 22 -7.30 -4.89 -5.88
C LEU A 22 -8.07 -6.12 -6.36
N TYR A 23 -8.99 -6.61 -5.57
CA TYR A 23 -9.78 -7.81 -5.98
C TYR A 23 -11.19 -7.77 -5.37
N ARG A 24 -12.12 -8.46 -5.99
CA ARG A 24 -13.53 -8.49 -5.48
C ARG A 24 -14.07 -7.07 -5.25
N GLY A 25 -13.61 -6.11 -6.01
CA GLY A 25 -14.08 -4.71 -5.82
C GLY A 25 -13.60 -4.19 -4.46
N ARG A 26 -12.47 -4.67 -3.99
CA ARG A 26 -11.95 -4.22 -2.68
C ARG A 26 -10.45 -3.94 -2.80
N CYS A 27 -9.93 -3.08 -1.95
CA CYS A 27 -8.48 -2.76 -2.02
C CYS A 27 -7.74 -3.39 -0.85
N TYR A 28 -6.72 -4.17 -1.15
CA TYR A 28 -5.92 -4.84 -0.09
C TYR A 28 -4.55 -4.15 -0.01
N CYS A 29 -4.39 -3.24 0.91
CA CYS A 29 -3.08 -2.52 1.01
C CYS A 29 -2.31 -2.92 2.27
N LYS A 30 -1.00 -2.96 2.17
CA LYS A 30 -0.16 -3.34 3.35
C LYS A 30 1.13 -2.52 3.36
N CYS A 31 1.66 -2.25 4.53
CA CYS A 31 2.93 -1.46 4.63
C CYS A 31 3.89 -2.19 5.60
N LEU A 32 5.09 -2.46 5.16
CA LEU A 32 6.06 -3.19 6.04
C LEU A 32 7.45 -2.53 5.98
N ARG A 33 8.40 -3.09 6.70
CA ARG A 33 9.80 -2.54 6.73
C ARG A 33 9.76 -1.04 7.11
N CYS A 34 9.20 -0.73 8.25
CA CYS A 34 9.13 0.69 8.68
C CYS A 34 10.15 0.98 9.79
N SER A 1 -4.35 2.49 -9.52
CA SER A 1 -4.76 3.72 -8.76
C SER A 1 -4.69 3.46 -7.25
N CYS A 2 -5.46 2.52 -6.76
CA CYS A 2 -5.45 2.21 -5.29
C CYS A 2 -4.04 1.82 -4.83
N ALA A 3 -3.34 1.03 -5.61
CA ALA A 3 -1.97 0.60 -5.22
C ALA A 3 -1.05 1.82 -5.10
N SER A 4 -1.17 2.79 -5.98
CA SER A 4 -0.31 4.00 -5.91
C SER A 4 -0.62 4.80 -4.63
N ARG A 5 -1.88 4.89 -4.26
CA ARG A 5 -2.25 5.64 -3.02
C ARG A 5 -1.67 4.91 -1.81
N CYS A 6 -1.76 3.61 -1.79
CA CYS A 6 -1.21 2.83 -0.64
C CYS A 6 0.31 2.95 -0.62
N LYS A 7 0.94 3.01 -1.77
CA LYS A 7 2.42 3.16 -1.83
C LYS A 7 2.84 4.45 -1.14
N GLY A 8 2.13 5.54 -1.40
CA GLY A 8 2.46 6.84 -0.75
C GLY A 8 2.19 6.72 0.75
N HIS A 9 1.14 6.03 1.14
CA HIS A 9 0.81 5.88 2.59
C HIS A 9 1.98 5.18 3.32
N CYS A 10 2.57 4.18 2.69
CA CYS A 10 3.71 3.46 3.33
C CYS A 10 4.93 4.40 3.38
N ARG A 11 5.16 5.15 2.32
CA ARG A 11 6.30 6.11 2.30
C ARG A 11 6.08 7.17 3.39
N ALA A 12 4.87 7.65 3.52
CA ALA A 12 4.56 8.67 4.57
C ALA A 12 4.81 8.08 5.96
N ARG A 13 4.63 6.79 6.12
CA ARG A 13 4.88 6.14 7.45
C ARG A 13 6.36 5.73 7.57
N ARG A 14 7.21 6.18 6.66
CA ARG A 14 8.67 5.82 6.71
C ARG A 14 8.85 4.31 6.50
N CYS A 15 8.35 3.79 5.40
CA CYS A 15 8.49 2.33 5.12
C CYS A 15 9.06 2.11 3.72
N GLY A 16 9.88 1.10 3.56
CA GLY A 16 10.48 0.83 2.22
C GLY A 16 9.80 -0.37 1.55
N TYR A 17 8.78 -0.94 2.18
CA TYR A 17 8.09 -2.11 1.56
C TYR A 17 6.57 -1.98 1.75
N TYR A 18 5.81 -2.40 0.77
CA TYR A 18 4.32 -2.29 0.90
C TYR A 18 3.63 -3.25 -0.09
N VAL A 19 2.46 -3.73 0.27
CA VAL A 19 1.72 -4.67 -0.61
C VAL A 19 0.41 -4.01 -1.08
N SER A 20 -0.04 -4.31 -2.26
CA SER A 20 -1.31 -3.70 -2.75
C SER A 20 -1.99 -4.63 -3.77
N VAL A 21 -3.28 -4.84 -3.62
CA VAL A 21 -4.02 -5.73 -4.56
C VAL A 21 -5.49 -5.28 -4.65
N LEU A 22 -6.02 -5.16 -5.84
CA LEU A 22 -7.45 -4.75 -5.99
C LEU A 22 -8.26 -5.94 -6.50
N TYR A 23 -9.10 -6.50 -5.66
CA TYR A 23 -9.92 -7.67 -6.07
C TYR A 23 -11.32 -7.62 -5.44
N ARG A 24 -12.29 -8.21 -6.11
CA ARG A 24 -13.70 -8.22 -5.58
C ARG A 24 -14.17 -6.80 -5.23
N GLY A 25 -13.69 -5.80 -5.95
CA GLY A 25 -14.09 -4.39 -5.66
C GLY A 25 -13.55 -3.98 -4.29
N ARG A 26 -12.47 -4.58 -3.86
CA ARG A 26 -11.88 -4.23 -2.53
C ARG A 26 -10.38 -3.98 -2.68
N CYS A 27 -9.84 -3.10 -1.89
CA CYS A 27 -8.38 -2.81 -1.98
C CYS A 27 -7.64 -3.45 -0.80
N TYR A 28 -6.68 -4.29 -1.10
CA TYR A 28 -5.89 -4.96 -0.03
C TYR A 28 -4.50 -4.33 0.02
N CYS A 29 -4.28 -3.40 0.92
CA CYS A 29 -2.96 -2.71 1.00
C CYS A 29 -2.23 -3.07 2.30
N LYS A 30 -0.92 -3.00 2.27
CA LYS A 30 -0.11 -3.31 3.49
C LYS A 30 1.20 -2.51 3.47
N CYS A 31 1.77 -2.29 4.63
CA CYS A 31 3.05 -1.51 4.72
C CYS A 31 4.04 -2.25 5.63
N LEU A 32 5.25 -2.46 5.18
CA LEU A 32 6.25 -3.19 6.02
C LEU A 32 7.64 -2.53 5.95
N ARG A 33 8.59 -3.06 6.69
CA ARG A 33 9.97 -2.49 6.69
C ARG A 33 9.93 -0.99 7.00
N CYS A 34 9.49 -0.64 8.18
CA CYS A 34 9.41 0.82 8.55
C CYS A 34 10.49 1.17 9.58
N SER A 1 -5.24 5.11 -8.86
CA SER A 1 -4.51 3.83 -8.63
C SER A 1 -4.46 3.49 -7.14
N CYS A 2 -5.27 2.54 -6.71
CA CYS A 2 -5.29 2.16 -5.26
C CYS A 2 -3.88 1.72 -4.82
N ALA A 3 -3.17 1.02 -5.67
CA ALA A 3 -1.79 0.57 -5.30
C ALA A 3 -0.88 1.78 -5.10
N SER A 4 -1.00 2.79 -5.93
CA SER A 4 -0.16 4.01 -5.76
C SER A 4 -0.55 4.74 -4.47
N ARG A 5 -1.83 4.80 -4.18
CA ARG A 5 -2.29 5.50 -2.94
C ARG A 5 -1.72 4.79 -1.70
N CYS A 6 -1.71 3.47 -1.71
CA CYS A 6 -1.17 2.72 -0.55
C CYS A 6 0.35 2.89 -0.48
N LYS A 7 1.00 3.01 -1.62
CA LYS A 7 2.48 3.20 -1.64
C LYS A 7 2.82 4.54 -0.98
N GLY A 8 2.06 5.57 -1.29
CA GLY A 8 2.31 6.90 -0.68
C GLY A 8 2.07 6.83 0.83
N HIS A 9 1.06 6.10 1.24
CA HIS A 9 0.78 5.96 2.71
C HIS A 9 1.94 5.26 3.41
N CYS A 10 2.48 4.24 2.79
CA CYS A 10 3.65 3.51 3.39
C CYS A 10 4.88 4.44 3.37
N ARG A 11 5.08 5.12 2.27
CA ARG A 11 6.24 6.06 2.19
C ARG A 11 6.07 7.19 3.20
N ALA A 12 4.85 7.65 3.39
CA ALA A 12 4.60 8.74 4.38
C ALA A 12 4.97 8.26 5.78
N ARG A 13 4.81 6.99 6.05
CA ARG A 13 5.18 6.44 7.40
C ARG A 13 6.67 6.03 7.42
N ARG A 14 7.40 6.32 6.36
CA ARG A 14 8.86 5.96 6.29
C ARG A 14 9.01 4.43 6.21
N CYS A 15 8.38 3.81 5.24
CA CYS A 15 8.48 2.33 5.09
C CYS A 15 9.12 2.00 3.74
N GLY A 16 9.90 0.95 3.69
CA GLY A 16 10.56 0.56 2.41
C GLY A 16 9.85 -0.63 1.76
N TYR A 17 8.75 -1.08 2.32
CA TYR A 17 8.03 -2.24 1.71
C TYR A 17 6.51 -2.04 1.79
N TYR A 18 5.80 -2.43 0.77
CA TYR A 18 4.31 -2.26 0.80
C TYR A 18 3.64 -3.28 -0.13
N VAL A 19 2.43 -3.67 0.19
CA VAL A 19 1.69 -4.65 -0.67
C VAL A 19 0.36 -4.03 -1.10
N SER A 20 -0.09 -4.32 -2.30
CA SER A 20 -1.39 -3.75 -2.76
C SER A 20 -2.05 -4.67 -3.78
N VAL A 21 -3.32 -4.91 -3.63
CA VAL A 21 -4.06 -5.81 -4.57
C VAL A 21 -5.53 -5.36 -4.69
N LEU A 22 -6.02 -5.23 -5.89
CA LEU A 22 -7.44 -4.81 -6.08
C LEU A 22 -8.25 -5.98 -6.61
N TYR A 23 -9.14 -6.52 -5.80
CA TYR A 23 -9.96 -7.68 -6.25
C TYR A 23 -11.35 -7.66 -5.58
N ARG A 24 -12.32 -8.29 -6.21
CA ARG A 24 -13.72 -8.33 -5.63
C ARG A 24 -14.22 -6.92 -5.28
N GLY A 25 -13.77 -5.92 -6.01
CA GLY A 25 -14.20 -4.53 -5.72
C GLY A 25 -13.68 -4.10 -4.35
N ARG A 26 -12.53 -4.61 -3.96
CA ARG A 26 -11.96 -4.25 -2.64
C ARG A 26 -10.45 -4.05 -2.77
N CYS A 27 -9.89 -3.16 -1.99
CA CYS A 27 -8.43 -2.91 -2.07
C CYS A 27 -7.71 -3.54 -0.87
N TYR A 28 -6.76 -4.39 -1.14
CA TYR A 28 -5.99 -5.05 -0.05
C TYR A 28 -4.57 -4.44 0.00
N CYS A 29 -4.33 -3.57 0.95
CA CYS A 29 -2.98 -2.92 1.02
C CYS A 29 -2.25 -3.27 2.31
N LYS A 30 -0.94 -3.16 2.28
CA LYS A 30 -0.10 -3.46 3.49
C LYS A 30 1.16 -2.60 3.49
N CYS A 31 1.69 -2.32 4.64
CA CYS A 31 2.94 -1.49 4.73
C CYS A 31 3.92 -2.18 5.69
N LEU A 32 5.15 -2.36 5.28
CA LEU A 32 6.14 -3.05 6.16
C LEU A 32 7.53 -2.41 6.03
N ARG A 33 8.51 -2.93 6.74
CA ARG A 33 9.90 -2.38 6.69
C ARG A 33 9.88 -0.88 7.02
N CYS A 34 9.32 -0.52 8.16
CA CYS A 34 9.26 0.92 8.55
C CYS A 34 10.32 1.23 9.61
N SER A 1 -6.24 4.56 -8.64
CA SER A 1 -5.10 3.63 -8.38
C SER A 1 -4.96 3.38 -6.88
N CYS A 2 -5.54 2.31 -6.39
CA CYS A 2 -5.45 2.00 -4.92
C CYS A 2 -4.00 1.74 -4.52
N ALA A 3 -3.29 0.94 -5.28
CA ALA A 3 -1.86 0.64 -4.96
C ALA A 3 -1.03 1.94 -4.92
N SER A 4 -1.33 2.88 -5.78
CA SER A 4 -0.56 4.17 -5.79
C SER A 4 -0.84 4.96 -4.52
N ARG A 5 -2.06 4.99 -4.07
CA ARG A 5 -2.40 5.74 -2.82
C ARG A 5 -1.78 5.02 -1.61
N CYS A 6 -1.84 3.71 -1.61
CA CYS A 6 -1.26 2.93 -0.48
C CYS A 6 0.27 3.08 -0.46
N LYS A 7 0.88 3.19 -1.62
CA LYS A 7 2.37 3.36 -1.67
C LYS A 7 2.74 4.69 -1.00
N GLY A 8 1.99 5.74 -1.28
CA GLY A 8 2.27 7.06 -0.67
C GLY A 8 2.08 6.95 0.85
N HIS A 9 1.08 6.23 1.30
CA HIS A 9 0.85 6.08 2.76
C HIS A 9 2.03 5.34 3.41
N CYS A 10 2.53 4.31 2.77
CA CYS A 10 3.70 3.56 3.33
C CYS A 10 4.96 4.42 3.23
N ARG A 11 5.14 5.11 2.13
CA ARG A 11 6.34 5.99 1.99
C ARG A 11 6.25 7.13 3.01
N ALA A 12 5.07 7.66 3.22
CA ALA A 12 4.91 8.76 4.22
C ALA A 12 5.20 8.23 5.63
N ARG A 13 4.95 6.96 5.86
CA ARG A 13 5.23 6.36 7.20
C ARG A 13 6.69 5.88 7.30
N ARG A 14 7.52 6.23 6.33
CA ARG A 14 8.95 5.81 6.34
C ARG A 14 9.06 4.29 6.19
N CYS A 15 8.47 3.74 5.16
CA CYS A 15 8.53 2.26 4.95
C CYS A 15 9.09 1.95 3.56
N GLY A 16 9.89 0.92 3.46
CA GLY A 16 10.48 0.55 2.13
C GLY A 16 9.76 -0.67 1.55
N TYR A 17 8.68 -1.11 2.15
CA TYR A 17 7.95 -2.30 1.60
C TYR A 17 6.44 -2.10 1.74
N TYR A 18 5.68 -2.60 0.80
CA TYR A 18 4.19 -2.45 0.88
C TYR A 18 3.50 -3.52 0.03
N VAL A 19 2.32 -3.94 0.44
CA VAL A 19 1.57 -4.98 -0.34
C VAL A 19 0.20 -4.43 -0.76
N SER A 20 0.01 -4.21 -2.04
CA SER A 20 -1.31 -3.68 -2.52
C SER A 20 -1.94 -4.65 -3.53
N VAL A 21 -3.20 -4.98 -3.32
CA VAL A 21 -3.89 -5.92 -4.26
C VAL A 21 -5.38 -5.57 -4.35
N LEU A 22 -5.91 -5.50 -5.55
CA LEU A 22 -7.36 -5.15 -5.72
C LEU A 22 -8.12 -6.41 -6.16
N TYR A 23 -9.08 -6.84 -5.37
CA TYR A 23 -9.84 -8.08 -5.72
C TYR A 23 -11.36 -7.83 -5.71
N ARG A 24 -12.01 -8.07 -6.83
CA ARG A 24 -13.49 -7.88 -6.93
C ARG A 24 -13.92 -6.48 -6.46
N GLY A 25 -13.07 -5.49 -6.66
CA GLY A 25 -13.43 -4.10 -6.24
C GLY A 25 -12.99 -3.83 -4.80
N ARG A 26 -12.29 -4.75 -4.18
CA ARG A 26 -11.82 -4.53 -2.77
C ARG A 26 -10.34 -4.17 -2.79
N CYS A 27 -9.90 -3.37 -1.86
CA CYS A 27 -8.46 -2.99 -1.84
C CYS A 27 -7.73 -3.62 -0.66
N TYR A 28 -6.70 -4.37 -0.95
CA TYR A 28 -5.90 -5.03 0.12
C TYR A 28 -4.53 -4.32 0.20
N CYS A 29 -4.40 -3.37 1.08
CA CYS A 29 -3.10 -2.62 1.17
C CYS A 29 -2.36 -2.97 2.46
N LYS A 30 -1.05 -2.89 2.42
CA LYS A 30 -0.22 -3.20 3.62
C LYS A 30 1.10 -2.43 3.55
N CYS A 31 1.68 -2.15 4.69
CA CYS A 31 2.98 -1.41 4.73
C CYS A 31 3.95 -2.12 5.67
N LEU A 32 5.16 -2.39 5.21
CA LEU A 32 6.14 -3.09 6.07
C LEU A 32 7.54 -2.48 5.94
N ARG A 33 8.50 -3.00 6.68
CA ARG A 33 9.90 -2.47 6.63
C ARG A 33 9.91 -0.96 6.90
N CYS A 34 9.48 -0.57 8.07
CA CYS A 34 9.44 0.88 8.42
C CYS A 34 10.55 1.22 9.44
N SER A 1 -6.40 4.22 -8.93
CA SER A 1 -5.11 3.53 -8.63
C SER A 1 -4.97 3.33 -7.11
N CYS A 2 -5.45 2.23 -6.60
CA CYS A 2 -5.35 1.96 -5.13
C CYS A 2 -3.91 1.62 -4.75
N ALA A 3 -3.22 0.87 -5.57
CA ALA A 3 -1.80 0.48 -5.26
C ALA A 3 -0.92 1.73 -5.13
N SER A 4 -1.08 2.70 -5.99
CA SER A 4 -0.24 3.93 -5.90
C SER A 4 -0.61 4.73 -4.64
N ARG A 5 -1.87 4.76 -4.28
CA ARG A 5 -2.28 5.51 -3.06
C ARG A 5 -1.70 4.82 -1.83
N CYS A 6 -1.75 3.51 -1.79
CA CYS A 6 -1.18 2.76 -0.63
C CYS A 6 0.35 2.89 -0.63
N LYS A 7 0.96 3.01 -1.78
CA LYS A 7 2.44 3.16 -1.85
C LYS A 7 2.84 4.48 -1.18
N GLY A 8 2.12 5.54 -1.46
CA GLY A 8 2.42 6.86 -0.83
C GLY A 8 2.17 6.77 0.68
N HIS A 9 1.14 6.06 1.08
CA HIS A 9 0.84 5.93 2.54
C HIS A 9 2.00 5.23 3.26
N CYS A 10 2.57 4.21 2.66
CA CYS A 10 3.72 3.50 3.29
C CYS A 10 4.94 4.42 3.32
N ARG A 11 5.15 5.17 2.27
CA ARG A 11 6.30 6.13 2.23
C ARG A 11 6.10 7.20 3.31
N ALA A 12 4.89 7.67 3.46
CA ALA A 12 4.60 8.70 4.51
C ALA A 12 4.83 8.10 5.91
N ARG A 13 4.63 6.81 6.05
CA ARG A 13 4.86 6.14 7.37
C ARG A 13 6.34 5.75 7.53
N ARG A 14 7.20 6.19 6.62
CA ARG A 14 8.65 5.84 6.69
C ARG A 14 8.85 4.33 6.50
N CYS A 15 8.33 3.79 5.43
CA CYS A 15 8.48 2.33 5.17
C CYS A 15 9.12 2.10 3.79
N GLY A 16 9.94 1.08 3.68
CA GLY A 16 10.60 0.79 2.38
C GLY A 16 9.90 -0.39 1.68
N TYR A 17 8.84 -0.91 2.24
CA TYR A 17 8.13 -2.05 1.58
C TYR A 17 6.63 -1.92 1.76
N TYR A 18 5.86 -2.30 0.76
CA TYR A 18 4.37 -2.21 0.88
C TYR A 18 3.70 -3.20 -0.09
N VAL A 19 2.53 -3.66 0.25
CA VAL A 19 1.80 -4.61 -0.63
C VAL A 19 0.46 -4.01 -1.05
N SER A 20 -0.01 -4.34 -2.23
CA SER A 20 -1.32 -3.78 -2.69
C SER A 20 -1.99 -4.73 -3.69
N VAL A 21 -3.26 -5.01 -3.50
CA VAL A 21 -4.00 -5.94 -4.42
C VAL A 21 -5.48 -5.55 -4.48
N LEU A 22 -6.04 -5.45 -5.65
CA LEU A 22 -7.49 -5.09 -5.77
C LEU A 22 -8.30 -6.32 -6.19
N TYR A 23 -9.34 -6.65 -5.47
CA TYR A 23 -10.16 -7.84 -5.84
C TYR A 23 -11.66 -7.59 -5.59
N ARG A 24 -12.48 -7.89 -6.59
CA ARG A 24 -13.96 -7.71 -6.47
C ARG A 24 -14.32 -6.29 -5.99
N GLY A 25 -13.52 -5.32 -6.31
CA GLY A 25 -13.81 -3.92 -5.88
C GLY A 25 -13.30 -3.68 -4.45
N ARG A 26 -12.41 -4.52 -3.98
CA ARG A 26 -11.86 -4.35 -2.60
C ARG A 26 -10.36 -4.07 -2.68
N CYS A 27 -9.84 -3.24 -1.81
CA CYS A 27 -8.39 -2.92 -1.86
C CYS A 27 -7.64 -3.58 -0.70
N TYR A 28 -6.65 -4.38 -1.01
CA TYR A 28 -5.84 -5.06 0.04
C TYR A 28 -4.46 -4.39 0.09
N CYS A 29 -4.24 -3.51 1.04
CA CYS A 29 -2.93 -2.81 1.11
C CYS A 29 -2.16 -3.18 2.38
N LYS A 30 -0.85 -3.09 2.31
CA LYS A 30 0.01 -3.42 3.49
C LYS A 30 1.26 -2.52 3.49
N CYS A 31 1.87 -2.37 4.64
CA CYS A 31 3.10 -1.52 4.76
C CYS A 31 4.10 -2.21 5.69
N LEU A 32 5.32 -2.41 5.25
CA LEU A 32 6.33 -3.09 6.11
C LEU A 32 7.70 -2.40 5.98
N ARG A 33 8.68 -2.93 6.68
CA ARG A 33 10.06 -2.34 6.64
C ARG A 33 10.01 -0.85 7.00
N CYS A 34 9.48 -0.53 8.16
CA CYS A 34 9.38 0.90 8.58
C CYS A 34 10.42 1.22 9.65
#